data_6YSP
#
_entry.id   6YSP
#
_cell.length_a   86.484
_cell.length_b   94.570
_cell.length_c   131.839
_cell.angle_alpha   90.000
_cell.angle_beta   90.000
_cell.angle_gamma   90.000
#
_symmetry.space_group_name_H-M   'P 21 21 21'
#
loop_
_entity.id
_entity.type
_entity.pdbx_description
1 polymer PYRB
2 non-polymer 'PHOSPHORIC ACID MONO(FORMAMIDE)ESTER'
3 non-polymer 'SULFATE ION'
4 non-polymer GLYCEROL
5 non-polymer 'N-(PHOSPHONACETYL)-L-ASPARTIC ACID'
6 water water
#
_entity_poly.entity_id   1
_entity_poly.type   'polypeptide(L)'
_entity_poly.pdbx_seq_one_letter_code
;MGSSHHHHHHSSGLEVLFQGPHMFELSDVIEGKQFDREMLSAIFDVAREMEKIEKSSSQSEILKGYLMATLFYEPSTRTR
LSFESAMKRLGGEVLTTENAREFSSAAKGETLEDTIRTVEGYSDIIVMRHFESGAARKAAATANIPVINAGDGPGEHPTQ
ALLDVYTIQSEIGKLDGISVALVGDLANGRTVRSLAYLLAKFKDVKIYFVSPEIVKMKDDIKDYLTSSGVEWEESSDLME
VASKCDVVYQTRIQRERFGERLDLYEAARGKFIVDKDLLGVMQKKAIIMHPLPRLDEITADVDADPRAAYFRQAKNGLFI
RMALLKLLLVGW
;
_entity_poly.pdbx_strand_id   A,B,C
#
# COMPACT_ATOMS: atom_id res chain seq x y z
N HIS A 22 -4.84 -19.08 -27.12
CA HIS A 22 -6.10 -18.57 -27.65
C HIS A 22 -6.73 -17.57 -26.67
N MET A 23 -7.19 -16.43 -27.18
CA MET A 23 -7.65 -15.36 -26.30
C MET A 23 -8.97 -15.72 -25.62
N PHE A 24 -9.12 -15.21 -24.39
CA PHE A 24 -10.40 -15.25 -23.68
C PHE A 24 -11.40 -14.36 -24.40
N GLU A 25 -12.63 -14.84 -24.53
CA GLU A 25 -13.62 -14.11 -25.32
C GLU A 25 -14.02 -12.79 -24.67
N LEU A 26 -13.82 -12.64 -23.37
CA LEU A 26 -14.06 -11.35 -22.73
C LEU A 26 -12.77 -10.53 -22.73
N SER A 27 -12.92 -9.24 -23.05
N SER A 27 -12.91 -9.24 -23.05
CA SER A 27 -11.79 -8.33 -22.94
CA SER A 27 -11.80 -8.31 -22.95
C SER A 27 -11.70 -7.66 -21.57
C SER A 27 -11.69 -7.69 -21.57
N ASP A 28 -12.78 -7.75 -20.79
CA ASP A 28 -12.87 -7.13 -19.48
C ASP A 28 -13.88 -7.95 -18.69
N VAL A 29 -13.82 -7.88 -17.37
CA VAL A 29 -14.81 -8.55 -16.52
C VAL A 29 -15.54 -7.46 -15.74
N ILE A 30 -16.76 -7.15 -16.18
CA ILE A 30 -17.48 -5.97 -15.74
C ILE A 30 -18.84 -6.31 -15.15
N GLU A 31 -19.59 -7.23 -15.77
CA GLU A 31 -20.96 -7.45 -15.34
C GLU A 31 -21.38 -8.90 -15.55
N GLY A 32 -22.34 -9.33 -14.74
CA GLY A 32 -22.78 -10.72 -14.78
C GLY A 32 -23.32 -11.14 -16.13
N LYS A 33 -23.95 -10.22 -16.86
CA LYS A 33 -24.55 -10.60 -18.14
C LYS A 33 -23.50 -10.95 -19.20
N GLN A 34 -22.21 -10.74 -18.94
CA GLN A 34 -21.21 -11.18 -19.90
C GLN A 34 -21.04 -12.70 -19.94
N PHE A 35 -21.56 -13.40 -18.95
CA PHE A 35 -21.28 -14.83 -18.78
C PHE A 35 -22.46 -15.68 -19.21
N ASP A 36 -22.16 -16.79 -19.87
CA ASP A 36 -23.13 -17.85 -20.14
C ASP A 36 -22.69 -19.12 -19.42
N ARG A 37 -23.56 -20.13 -19.45
CA ARG A 37 -23.31 -21.34 -18.66
C ARG A 37 -22.02 -22.02 -19.07
N GLU A 38 -21.77 -22.14 -20.36
CA GLU A 38 -20.56 -22.81 -20.83
C GLU A 38 -19.31 -22.06 -20.39
N MET A 39 -19.36 -20.74 -20.46
CA MET A 39 -18.22 -19.95 -20.00
C MET A 39 -17.99 -20.14 -18.50
N LEU A 40 -19.07 -20.13 -17.70
CA LEU A 40 -18.93 -20.35 -16.27
C LEU A 40 -18.26 -21.69 -16.02
N SER A 41 -18.72 -22.74 -16.72
CA SER A 41 -18.15 -24.05 -16.51
C SER A 41 -16.67 -24.09 -16.84
N ALA A 42 -16.27 -23.44 -17.95
CA ALA A 42 -14.86 -23.42 -18.32
C ALA A 42 -14.03 -22.63 -17.31
N ILE A 43 -14.54 -21.49 -16.84
CA ILE A 43 -13.82 -20.72 -15.81
C ILE A 43 -13.66 -21.54 -14.54
N PHE A 44 -14.72 -22.24 -14.13
CA PHE A 44 -14.64 -23.04 -12.92
C PHE A 44 -13.61 -24.16 -13.09
N ASP A 45 -13.52 -24.73 -14.30
CA ASP A 45 -12.50 -25.73 -14.57
C ASP A 45 -11.11 -25.15 -14.35
N VAL A 46 -10.89 -23.91 -14.82
CA VAL A 46 -9.59 -23.27 -14.63
C VAL A 46 -9.36 -22.99 -13.15
N ALA A 47 -10.40 -22.52 -12.44
CA ALA A 47 -10.25 -22.28 -11.01
C ALA A 47 -9.83 -23.55 -10.25
N ARG A 48 -10.35 -24.72 -10.64
CA ARG A 48 -9.92 -25.95 -10.00
C ARG A 48 -8.44 -26.23 -10.24
N GLU A 49 -7.94 -25.92 -11.45
CA GLU A 49 -6.51 -26.03 -11.68
C GLU A 49 -5.73 -25.03 -10.83
N MET A 50 -6.29 -23.84 -10.64
CA MET A 50 -5.60 -22.84 -9.81
CA MET A 50 -5.60 -22.84 -9.81
C MET A 50 -5.50 -23.30 -8.36
N GLU A 51 -6.50 -24.07 -7.87
CA GLU A 51 -6.38 -24.61 -6.52
CA GLU A 51 -6.39 -24.63 -6.53
C GLU A 51 -5.18 -25.53 -6.41
N LYS A 52 -4.93 -26.35 -7.43
CA LYS A 52 -3.76 -27.21 -7.42
C LYS A 52 -2.48 -26.39 -7.39
N ILE A 53 -2.42 -25.31 -8.18
CA ILE A 53 -1.24 -24.45 -8.18
C ILE A 53 -1.04 -23.83 -6.80
N GLU A 54 -2.13 -23.31 -6.20
CA GLU A 54 -2.00 -22.61 -4.92
C GLU A 54 -1.56 -23.55 -3.80
N LYS A 55 -1.92 -24.82 -3.86
CA LYS A 55 -1.57 -25.76 -2.81
C LYS A 55 -0.16 -26.30 -2.97
N SER A 56 0.50 -26.05 -4.09
CA SER A 56 1.83 -26.55 -4.33
C SER A 56 2.89 -25.70 -3.63
N SER A 57 4.02 -26.36 -3.32
CA SER A 57 5.18 -25.70 -2.74
C SER A 57 5.91 -24.85 -3.76
N SER A 58 5.72 -25.13 -5.05
CA SER A 58 6.52 -24.53 -6.10
C SER A 58 5.88 -23.23 -6.56
N GLN A 59 6.68 -22.17 -6.67
CA GLN A 59 6.17 -20.87 -7.09
C GLN A 59 5.84 -20.89 -8.59
N SER A 60 4.60 -20.55 -8.91
CA SER A 60 4.17 -20.49 -10.30
C SER A 60 4.76 -19.26 -10.97
N GLU A 61 5.04 -19.37 -12.27
CA GLU A 61 5.54 -18.27 -13.07
C GLU A 61 4.63 -17.98 -14.26
N ILE A 62 3.36 -18.42 -14.17
CA ILE A 62 2.43 -18.20 -15.27
C ILE A 62 2.35 -16.74 -15.67
N LEU A 63 2.28 -15.85 -14.68
CA LEU A 63 2.15 -14.42 -14.92
C LEU A 63 3.45 -13.65 -14.67
N LYS A 64 4.59 -14.33 -14.67
CA LYS A 64 5.87 -13.63 -14.60
C LYS A 64 5.94 -12.57 -15.69
N GLY A 65 6.34 -11.37 -15.28
CA GLY A 65 6.50 -10.26 -16.19
C GLY A 65 5.26 -9.38 -16.35
N TYR A 66 4.13 -9.78 -15.80
CA TYR A 66 2.91 -8.98 -15.88
C TYR A 66 2.71 -8.20 -14.59
N LEU A 67 2.14 -7.01 -14.73
CA LEU A 67 1.85 -6.13 -13.60
C LEU A 67 0.37 -5.80 -13.57
N MET A 68 -0.21 -5.89 -12.38
CA MET A 68 -1.58 -5.46 -12.11
C MET A 68 -1.54 -4.15 -11.36
N ALA A 69 -2.38 -3.20 -11.78
CA ALA A 69 -2.60 -1.98 -11.02
C ALA A 69 -3.95 -2.05 -10.36
N THR A 70 -3.99 -1.83 -9.06
CA THR A 70 -5.26 -1.75 -8.37
C THR A 70 -5.67 -0.29 -8.18
N LEU A 71 -6.96 -0.07 -8.21
CA LEU A 71 -7.49 1.28 -7.97
C LEU A 71 -8.70 1.10 -7.08
N PHE A 72 -8.50 1.23 -5.77
CA PHE A 72 -9.57 1.08 -4.79
C PHE A 72 -9.99 2.45 -4.30
N TYR A 73 -11.18 2.88 -4.74
CA TYR A 73 -11.76 4.14 -4.30
C TYR A 73 -12.67 3.96 -3.09
N GLU A 74 -12.99 2.73 -2.73
CA GLU A 74 -13.73 2.38 -1.52
C GLU A 74 -12.97 1.29 -0.80
N PRO A 75 -13.21 1.11 0.51
CA PRO A 75 -12.47 0.08 1.27
C PRO A 75 -12.79 -1.32 0.81
N SER A 76 -11.81 -2.20 1.01
CA SER A 76 -11.96 -3.60 0.68
C SER A 76 -10.94 -4.42 1.48
N THR A 77 -11.36 -5.59 1.95
CA THR A 77 -10.44 -6.59 2.49
C THR A 77 -10.36 -7.79 1.55
N ARG A 78 -11.48 -8.47 1.31
CA ARG A 78 -11.46 -9.68 0.50
C ARG A 78 -11.07 -9.40 -0.96
N THR A 79 -11.75 -8.48 -1.62
CA THR A 79 -11.55 -8.35 -3.05
C THR A 79 -10.14 -7.82 -3.33
N ARG A 80 -9.70 -6.80 -2.58
CA ARG A 80 -8.37 -6.23 -2.80
C ARG A 80 -7.28 -7.25 -2.55
N LEU A 81 -7.32 -7.91 -1.39
CA LEU A 81 -6.23 -8.81 -1.04
C LEU A 81 -6.28 -10.09 -1.88
N SER A 82 -7.47 -10.59 -2.20
CA SER A 82 -7.55 -11.79 -3.02
C SER A 82 -6.98 -11.54 -4.40
N PHE A 83 -7.26 -10.37 -5.00
CA PHE A 83 -6.70 -10.10 -6.33
C PHE A 83 -5.19 -9.99 -6.27
N GLU A 84 -4.66 -9.33 -5.24
CA GLU A 84 -3.21 -9.16 -5.14
CA GLU A 84 -3.21 -9.16 -5.14
C GLU A 84 -2.54 -10.49 -4.86
N SER A 85 -3.12 -11.29 -3.97
CA SER A 85 -2.59 -12.62 -3.70
C SER A 85 -2.66 -13.48 -4.95
N ALA A 86 -3.78 -13.42 -5.69
CA ALA A 86 -3.89 -14.20 -6.91
C ALA A 86 -2.77 -13.86 -7.88
N MET A 87 -2.50 -12.56 -8.05
CA MET A 87 -1.47 -12.14 -8.99
C MET A 87 -0.10 -12.66 -8.56
N LYS A 88 0.22 -12.53 -7.27
CA LYS A 88 1.53 -12.92 -6.80
C LYS A 88 1.68 -14.43 -6.73
N ARG A 89 0.61 -15.16 -6.41
CA ARG A 89 0.67 -16.62 -6.45
C ARG A 89 0.96 -17.13 -7.84
N LEU A 90 0.59 -16.36 -8.88
CA LEU A 90 0.88 -16.73 -10.26
C LEU A 90 2.21 -16.16 -10.75
N GLY A 91 2.96 -15.45 -9.90
CA GLY A 91 4.25 -14.93 -10.29
C GLY A 91 4.26 -13.53 -10.85
N GLY A 92 3.11 -12.88 -10.91
CA GLY A 92 3.05 -11.49 -11.32
C GLY A 92 3.30 -10.53 -10.19
N GLU A 93 3.28 -9.24 -10.53
CA GLU A 93 3.45 -8.21 -9.53
C GLU A 93 2.30 -7.21 -9.58
N VAL A 94 2.27 -6.37 -8.55
CA VAL A 94 1.11 -5.52 -8.27
C VAL A 94 1.60 -4.13 -7.91
N LEU A 95 0.91 -3.13 -8.47
CA LEU A 95 1.10 -1.73 -8.13
C LEU A 95 -0.19 -1.29 -7.46
N THR A 96 -0.16 -1.04 -6.16
CA THR A 96 -1.41 -0.81 -5.45
C THR A 96 -1.72 0.68 -5.30
N THR A 97 -3.00 1.02 -5.42
CA THR A 97 -3.53 2.31 -5.00
C THR A 97 -4.74 1.95 -4.14
N GLU A 98 -4.53 1.94 -2.82
CA GLU A 98 -5.48 1.33 -1.90
C GLU A 98 -6.51 2.31 -1.39
N ASN A 99 -6.28 3.61 -1.52
CA ASN A 99 -7.31 4.60 -1.24
C ASN A 99 -7.18 5.73 -2.26
N ALA A 100 -7.85 5.56 -3.39
CA ALA A 100 -7.57 6.42 -4.53
C ALA A 100 -8.10 7.84 -4.37
N ARG A 101 -9.19 8.05 -3.63
CA ARG A 101 -9.70 9.42 -3.58
C ARG A 101 -8.83 10.34 -2.73
N GLU A 102 -7.97 9.80 -1.88
CA GLU A 102 -7.07 10.64 -1.10
C GLU A 102 -5.60 10.54 -1.44
N PHE A 103 -5.11 9.40 -1.96
CA PHE A 103 -3.69 9.17 -2.15
C PHE A 103 -3.25 9.24 -3.60
N SER A 104 -4.18 9.22 -4.54
CA SER A 104 -3.87 9.38 -5.96
C SER A 104 -4.20 10.80 -6.38
N SER A 105 -3.86 11.12 -7.63
CA SER A 105 -4.21 12.45 -8.13
C SER A 105 -5.71 12.62 -8.37
N ALA A 106 -6.52 11.59 -8.14
CA ALA A 106 -7.96 11.81 -8.01
C ALA A 106 -8.23 12.87 -6.94
N ALA A 107 -7.37 12.95 -5.93
CA ALA A 107 -7.53 13.95 -4.90
C ALA A 107 -7.38 15.37 -5.42
N LYS A 108 -6.73 15.54 -6.57
CA LYS A 108 -6.57 16.83 -7.23
C LYS A 108 -7.60 17.03 -8.34
N GLY A 109 -8.64 16.19 -8.39
CA GLY A 109 -9.69 16.33 -9.35
C GLY A 109 -9.57 15.52 -10.62
N GLU A 110 -8.57 14.65 -10.72
CA GLU A 110 -8.37 13.90 -11.95
C GLU A 110 -9.56 13.00 -12.22
N THR A 111 -10.06 13.03 -13.46
CA THR A 111 -11.19 12.19 -13.83
C THR A 111 -10.78 10.72 -13.90
N LEU A 112 -11.81 9.87 -13.82
CA LEU A 112 -11.59 8.44 -13.98
C LEU A 112 -10.91 8.13 -15.30
N GLU A 113 -11.41 8.70 -16.40
CA GLU A 113 -10.84 8.38 -17.71
C GLU A 113 -9.36 8.78 -17.80
N ASP A 114 -8.99 9.90 -17.19
CA ASP A 114 -7.58 10.28 -17.20
C ASP A 114 -6.75 9.35 -16.34
N THR A 115 -7.29 8.94 -15.18
CA THR A 115 -6.57 8.00 -14.32
C THR A 115 -6.31 6.70 -15.08
N ILE A 116 -7.34 6.19 -15.77
CA ILE A 116 -7.20 4.92 -16.49
C ILE A 116 -6.15 5.04 -17.59
N ARG A 117 -6.23 6.10 -18.40
CA ARG A 117 -5.28 6.26 -19.50
C ARG A 117 -3.87 6.50 -19.01
N THR A 118 -3.71 7.01 -17.80
CA THR A 118 -2.39 7.13 -17.20
C THR A 118 -1.90 5.77 -16.71
N VAL A 119 -2.70 5.09 -15.87
CA VAL A 119 -2.22 3.90 -15.21
C VAL A 119 -1.97 2.77 -16.19
N GLU A 120 -2.69 2.75 -17.31
CA GLU A 120 -2.45 1.68 -18.26
C GLU A 120 -1.06 1.74 -18.87
N GLY A 121 -0.38 2.88 -18.81
CA GLY A 121 0.98 2.95 -19.28
C GLY A 121 1.96 2.21 -18.39
N TYR A 122 1.57 1.89 -17.16
CA TYR A 122 2.46 1.30 -16.18
C TYR A 122 2.14 -0.17 -15.90
N SER A 123 1.08 -0.70 -16.49
CA SER A 123 0.53 -1.98 -16.06
C SER A 123 -0.07 -2.72 -17.24
N ASP A 124 -0.42 -3.99 -16.98
CA ASP A 124 -1.00 -4.88 -17.98
C ASP A 124 -2.47 -5.19 -17.74
N ILE A 125 -2.96 -4.93 -16.52
CA ILE A 125 -4.35 -5.17 -16.18
C ILE A 125 -4.68 -4.23 -15.03
N ILE A 126 -5.91 -3.75 -15.01
CA ILE A 126 -6.38 -2.86 -13.94
C ILE A 126 -7.54 -3.54 -13.21
N VAL A 127 -7.48 -3.52 -11.89
CA VAL A 127 -8.55 -4.00 -11.03
C VAL A 127 -9.06 -2.79 -10.26
N MET A 128 -10.34 -2.46 -10.44
CA MET A 128 -10.87 -1.22 -9.88
C MET A 128 -12.15 -1.44 -9.09
N ARG A 129 -12.21 -0.85 -7.89
CA ARG A 129 -13.44 -0.72 -7.11
C ARG A 129 -13.71 0.77 -7.02
N HIS A 130 -14.67 1.25 -7.79
CA HIS A 130 -15.01 2.65 -7.78
C HIS A 130 -16.14 2.90 -6.77
N PHE A 131 -16.53 4.17 -6.63
CA PHE A 131 -17.61 4.56 -5.75
C PHE A 131 -18.93 4.79 -6.49
N GLU A 132 -18.92 4.85 -7.82
CA GLU A 132 -20.14 5.13 -8.58
C GLU A 132 -20.43 4.00 -9.55
N SER A 133 -21.70 3.57 -9.59
CA SER A 133 -22.11 2.58 -10.56
C SER A 133 -21.94 3.15 -11.96
N GLY A 134 -21.43 2.32 -12.86
CA GLY A 134 -21.13 2.74 -14.22
C GLY A 134 -19.66 3.02 -14.45
N ALA A 135 -18.87 3.16 -13.40
CA ALA A 135 -17.47 3.48 -13.57
C ALA A 135 -16.71 2.38 -14.28
N ALA A 136 -16.97 1.12 -13.92
CA ALA A 136 -16.18 0.03 -14.50
C ALA A 136 -16.37 -0.05 -16.00
N ARG A 137 -17.60 0.11 -16.49
N ARG A 137 -17.60 0.09 -16.48
CA ARG A 137 -17.84 0.08 -17.92
CA ARG A 137 -17.83 0.07 -17.93
C ARG A 137 -17.13 1.22 -18.63
C ARG A 137 -17.10 1.22 -18.63
N LYS A 138 -17.14 2.42 -18.02
CA LYS A 138 -16.41 3.54 -18.61
C LYS A 138 -14.92 3.27 -18.63
N ALA A 139 -14.38 2.67 -17.57
CA ALA A 139 -12.96 2.36 -17.55
C ALA A 139 -12.61 1.36 -18.63
N ALA A 140 -13.41 0.31 -18.77
CA ALA A 140 -13.15 -0.68 -19.82
C ALA A 140 -13.18 -0.02 -21.20
N ALA A 141 -14.13 0.88 -21.43
CA ALA A 141 -14.22 1.51 -22.75
C ALA A 141 -13.02 2.40 -23.02
N THR A 142 -12.45 3.01 -21.98
CA THR A 142 -11.30 3.88 -22.12
C THR A 142 -10.00 3.09 -22.27
N ALA A 143 -9.87 1.99 -21.53
CA ALA A 143 -8.59 1.30 -21.44
C ALA A 143 -8.35 0.42 -22.67
N ASN A 144 -7.07 0.32 -23.05
CA ASN A 144 -6.64 -0.66 -24.05
C ASN A 144 -5.98 -1.88 -23.43
N ILE A 145 -6.10 -2.04 -22.12
CA ILE A 145 -5.72 -3.25 -21.39
C ILE A 145 -6.95 -3.74 -20.66
N PRO A 146 -6.98 -4.99 -20.23
CA PRO A 146 -8.17 -5.50 -19.54
C PRO A 146 -8.43 -4.80 -18.22
N VAL A 147 -9.71 -4.60 -17.94
CA VAL A 147 -10.20 -4.07 -16.66
C VAL A 147 -11.06 -5.12 -16.00
N ILE A 148 -10.87 -5.27 -14.69
CA ILE A 148 -11.75 -6.09 -13.87
C ILE A 148 -12.42 -5.19 -12.84
N ASN A 149 -13.74 -5.25 -12.82
CA ASN A 149 -14.58 -4.57 -11.86
C ASN A 149 -14.58 -5.32 -10.54
N ALA A 150 -14.02 -4.70 -9.51
CA ALA A 150 -13.91 -5.22 -8.16
C ALA A 150 -15.02 -4.72 -7.25
N GLY A 151 -16.08 -4.17 -7.84
CA GLY A 151 -17.22 -3.62 -7.13
C GLY A 151 -17.45 -2.19 -7.59
N ASP A 152 -18.59 -1.94 -8.21
CA ASP A 152 -18.82 -0.72 -8.94
C ASP A 152 -19.74 0.13 -8.08
N GLY A 153 -19.17 0.72 -7.02
CA GLY A 153 -19.97 1.32 -5.99
C GLY A 153 -20.96 0.29 -5.48
N PRO A 154 -22.24 0.67 -5.39
CA PRO A 154 -23.28 -0.29 -5.01
C PRO A 154 -23.79 -1.15 -6.15
N GLY A 155 -23.15 -1.09 -7.32
CA GLY A 155 -23.60 -1.83 -8.49
C GLY A 155 -22.92 -3.18 -8.65
N GLU A 156 -22.55 -3.51 -9.89
CA GLU A 156 -22.10 -4.86 -10.19
C GLU A 156 -20.81 -5.19 -9.45
N HIS A 157 -20.69 -6.47 -9.08
CA HIS A 157 -19.50 -7.03 -8.42
C HIS A 157 -19.38 -8.44 -8.97
N PRO A 158 -18.93 -8.57 -10.23
CA PRO A 158 -19.10 -9.83 -10.96
C PRO A 158 -18.25 -10.96 -10.41
N THR A 159 -17.05 -10.67 -9.89
CA THR A 159 -16.22 -11.76 -9.39
C THR A 159 -16.76 -12.31 -8.08
N GLN A 160 -17.49 -11.50 -7.31
CA GLN A 160 -18.23 -12.02 -6.16
C GLN A 160 -19.29 -13.02 -6.60
N ALA A 161 -20.05 -12.69 -7.65
CA ALA A 161 -21.07 -13.60 -8.13
C ALA A 161 -20.43 -14.89 -8.65
N LEU A 162 -19.29 -14.77 -9.36
CA LEU A 162 -18.61 -15.97 -9.85
C LEU A 162 -18.15 -16.85 -8.69
N LEU A 163 -17.51 -16.25 -7.67
CA LEU A 163 -17.03 -17.09 -6.58
C LEU A 163 -18.17 -17.67 -5.77
N ASP A 164 -19.30 -16.96 -5.72
CA ASP A 164 -20.47 -17.49 -5.00
C ASP A 164 -21.00 -18.74 -5.68
N VAL A 165 -21.13 -18.70 -7.01
CA VAL A 165 -21.61 -19.87 -7.74
C VAL A 165 -20.60 -21.01 -7.66
N TYR A 166 -19.32 -20.69 -7.81
CA TYR A 166 -18.29 -21.72 -7.70
C TYR A 166 -18.34 -22.37 -6.34
N THR A 167 -18.54 -21.59 -5.29
CA THR A 167 -18.60 -22.14 -3.95
C THR A 167 -19.76 -23.11 -3.81
N ILE A 168 -20.93 -22.75 -4.36
CA ILE A 168 -22.06 -23.69 -4.31
C ILE A 168 -21.69 -24.99 -5.00
N GLN A 169 -21.13 -24.89 -6.22
CA GLN A 169 -20.74 -26.10 -6.94
C GLN A 169 -19.74 -26.91 -6.13
N SER A 170 -18.78 -26.24 -5.50
CA SER A 170 -17.73 -26.94 -4.77
CA SER A 170 -17.73 -26.94 -4.78
C SER A 170 -18.28 -27.63 -3.52
N GLU A 171 -19.17 -26.95 -2.81
CA GLU A 171 -19.68 -27.45 -1.53
C GLU A 171 -20.81 -28.47 -1.71
N ILE A 172 -21.73 -28.19 -2.63
CA ILE A 172 -22.93 -28.99 -2.81
C ILE A 172 -22.68 -30.07 -3.85
N GLY A 173 -21.80 -29.82 -4.81
CA GLY A 173 -21.50 -30.79 -5.84
C GLY A 173 -22.33 -30.66 -7.09
N LYS A 174 -23.21 -29.68 -7.17
CA LYS A 174 -24.00 -29.45 -8.36
C LYS A 174 -24.58 -28.05 -8.29
N LEU A 175 -25.03 -27.57 -9.44
CA LEU A 175 -25.79 -26.34 -9.58
C LEU A 175 -27.19 -26.60 -10.13
N ASP A 176 -27.34 -27.55 -11.03
CA ASP A 176 -28.68 -27.90 -11.47
C ASP A 176 -29.45 -28.55 -10.31
N GLY A 177 -30.71 -28.15 -10.15
CA GLY A 177 -31.57 -28.81 -9.18
C GLY A 177 -31.41 -28.37 -7.75
N ILE A 178 -30.78 -27.26 -7.50
CA ILE A 178 -30.55 -26.86 -6.12
C ILE A 178 -31.64 -25.91 -5.66
N SER A 179 -31.74 -25.78 -4.34
CA SER A 179 -32.61 -24.82 -3.66
C SER A 179 -31.75 -23.87 -2.86
N VAL A 180 -31.89 -22.57 -3.12
CA VAL A 180 -31.06 -21.55 -2.51
C VAL A 180 -31.97 -20.53 -1.84
N ALA A 181 -31.71 -20.24 -0.57
CA ALA A 181 -32.35 -19.12 0.09
C ALA A 181 -31.44 -17.90 0.01
N LEU A 182 -31.97 -16.79 -0.50
CA LEU A 182 -31.29 -15.50 -0.49
C LEU A 182 -31.98 -14.69 0.60
N VAL A 183 -31.19 -14.25 1.59
CA VAL A 183 -31.73 -13.70 2.83
C VAL A 183 -31.18 -12.30 3.02
N GLY A 184 -32.03 -11.40 3.49
CA GLY A 184 -31.57 -10.11 3.97
C GLY A 184 -32.11 -8.96 3.15
N ASP A 185 -31.22 -8.03 2.80
CA ASP A 185 -31.64 -6.83 2.07
C ASP A 185 -31.67 -7.17 0.58
N LEU A 186 -32.79 -7.73 0.16
CA LEU A 186 -32.89 -8.20 -1.22
C LEU A 186 -33.14 -7.05 -2.18
N ALA A 187 -33.90 -6.04 -1.75
CA ALA A 187 -34.22 -4.92 -2.61
C ALA A 187 -32.97 -4.22 -3.11
N ASN A 188 -31.99 -4.01 -2.22
CA ASN A 188 -30.84 -3.17 -2.52
C ASN A 188 -29.54 -3.95 -2.60
N GLY A 189 -29.57 -5.26 -2.39
CA GLY A 189 -28.35 -6.02 -2.31
C GLY A 189 -27.79 -6.47 -3.63
N ARG A 190 -26.69 -5.86 -4.06
CA ARG A 190 -26.10 -6.27 -5.33
C ARG A 190 -25.64 -7.72 -5.32
N THR A 191 -25.18 -8.24 -4.17
CA THR A 191 -24.67 -9.61 -4.15
C THR A 191 -25.79 -10.62 -4.37
N VAL A 192 -26.90 -10.48 -3.66
CA VAL A 192 -27.99 -11.43 -3.84
C VAL A 192 -28.62 -11.30 -5.22
N ARG A 193 -28.72 -10.07 -5.73
CA ARG A 193 -29.28 -9.89 -7.06
C ARG A 193 -28.40 -10.57 -8.10
N SER A 194 -27.08 -10.40 -7.97
CA SER A 194 -26.17 -10.93 -8.98
C SER A 194 -26.07 -12.44 -8.88
N LEU A 195 -26.16 -12.99 -7.67
CA LEU A 195 -26.16 -14.43 -7.52
C LEU A 195 -27.41 -15.02 -8.16
N ALA A 196 -28.57 -14.41 -7.91
CA ALA A 196 -29.79 -14.87 -8.57
C ALA A 196 -29.63 -14.85 -10.08
N TYR A 197 -29.02 -13.78 -10.60
CA TYR A 197 -28.86 -13.64 -12.04
C TYR A 197 -28.07 -14.81 -12.61
N LEU A 198 -26.94 -15.18 -11.98
CA LEU A 198 -26.14 -16.27 -12.52
C LEU A 198 -26.79 -17.65 -12.29
N LEU A 199 -27.46 -17.84 -11.15
CA LEU A 199 -28.05 -19.15 -10.90
C LEU A 199 -29.10 -19.49 -11.94
N ALA A 200 -29.72 -18.48 -12.54
CA ALA A 200 -30.74 -18.69 -13.56
C ALA A 200 -30.18 -19.30 -14.83
N LYS A 201 -28.86 -19.39 -14.98
CA LYS A 201 -28.27 -20.05 -16.14
C LYS A 201 -28.25 -21.55 -16.01
N PHE A 202 -28.65 -22.07 -14.86
CA PHE A 202 -28.71 -23.51 -14.58
C PHE A 202 -30.16 -23.98 -14.51
N LYS A 203 -30.33 -25.29 -14.44
CA LYS A 203 -31.63 -25.91 -14.65
C LYS A 203 -32.23 -26.34 -13.32
N ASP A 204 -33.56 -26.27 -13.24
CA ASP A 204 -34.31 -26.81 -12.10
C ASP A 204 -33.88 -26.16 -10.79
N VAL A 205 -33.60 -24.88 -10.83
CA VAL A 205 -33.20 -24.13 -9.66
C VAL A 205 -34.44 -23.59 -8.98
N LYS A 206 -34.44 -23.60 -7.66
CA LYS A 206 -35.47 -22.93 -6.87
C LYS A 206 -34.79 -21.93 -5.97
N ILE A 207 -35.32 -20.70 -5.96
CA ILE A 207 -34.78 -19.62 -5.14
C ILE A 207 -35.88 -19.21 -4.17
N TYR A 208 -35.54 -19.13 -2.89
CA TYR A 208 -36.41 -18.56 -1.88
C TYR A 208 -35.88 -17.19 -1.51
N PHE A 209 -36.74 -16.18 -1.59
CA PHE A 209 -36.41 -14.82 -1.22
C PHE A 209 -36.92 -14.60 0.20
N VAL A 210 -36.01 -14.51 1.16
CA VAL A 210 -36.38 -14.45 2.58
C VAL A 210 -36.02 -13.07 3.09
N SER A 211 -37.03 -12.27 3.45
CA SER A 211 -36.78 -10.91 3.90
C SER A 211 -38.06 -10.33 4.47
N PRO A 212 -37.94 -9.23 5.22
CA PRO A 212 -39.13 -8.39 5.46
C PRO A 212 -39.67 -7.87 4.15
N GLU A 213 -40.97 -7.57 4.13
CA GLU A 213 -41.59 -7.05 2.91
C GLU A 213 -40.92 -5.77 2.45
N ILE A 214 -40.49 -4.93 3.39
CA ILE A 214 -39.95 -3.62 3.03
C ILE A 214 -38.67 -3.70 2.20
N VAL A 215 -37.94 -4.81 2.28
CA VAL A 215 -36.72 -4.97 1.48
C VAL A 215 -36.79 -6.20 0.58
N LYS A 216 -37.99 -6.51 0.09
CA LYS A 216 -38.16 -7.67 -0.78
C LYS A 216 -37.44 -7.45 -2.11
N MET A 217 -37.18 -8.56 -2.82
CA MET A 217 -36.49 -8.49 -4.10
C MET A 217 -37.30 -7.69 -5.10
N LYS A 218 -36.60 -6.88 -5.90
CA LYS A 218 -37.31 -6.04 -6.86
C LYS A 218 -37.84 -6.85 -8.04
N ASP A 219 -38.77 -6.23 -8.78
CA ASP A 219 -39.48 -6.94 -9.83
C ASP A 219 -38.55 -7.30 -10.99
N ASP A 220 -37.48 -6.53 -11.23
CA ASP A 220 -36.62 -6.85 -12.37
C ASP A 220 -36.02 -8.25 -12.22
N ILE A 221 -35.55 -8.58 -11.03
CA ILE A 221 -34.98 -9.91 -10.82
C ILE A 221 -36.06 -10.97 -10.85
N LYS A 222 -37.21 -10.70 -10.23
CA LYS A 222 -38.32 -11.65 -10.25
C LYS A 222 -38.73 -11.99 -11.68
N ASP A 223 -38.90 -10.96 -12.52
CA ASP A 223 -39.32 -11.17 -13.90
C ASP A 223 -38.25 -11.93 -14.68
N TYR A 224 -36.98 -11.62 -14.42
CA TYR A 224 -35.91 -12.32 -15.10
C TYR A 224 -35.89 -13.79 -14.72
N LEU A 225 -36.07 -14.10 -13.43
CA LEU A 225 -36.12 -15.51 -13.02
C LEU A 225 -37.30 -16.22 -13.67
N THR A 226 -38.47 -15.59 -13.67
CA THR A 226 -39.63 -16.22 -14.30
C THR A 226 -39.36 -16.49 -15.77
N SER A 227 -38.80 -15.50 -16.47
N SER A 227 -38.79 -15.50 -16.48
CA SER A 227 -38.50 -15.69 -17.89
CA SER A 227 -38.50 -15.71 -17.89
C SER A 227 -37.48 -16.79 -18.11
C SER A 227 -37.50 -16.83 -18.10
N SER A 228 -36.62 -17.05 -17.12
CA SER A 228 -35.54 -18.03 -17.23
C SER A 228 -35.95 -19.42 -16.79
N GLY A 229 -37.19 -19.59 -16.34
CA GLY A 229 -37.62 -20.89 -15.85
C GLY A 229 -37.15 -21.23 -14.46
N VAL A 230 -36.80 -20.23 -13.66
CA VAL A 230 -36.40 -20.45 -12.27
C VAL A 230 -37.64 -20.30 -11.39
N GLU A 231 -37.92 -21.32 -10.59
CA GLU A 231 -38.99 -21.24 -9.61
C GLU A 231 -38.54 -20.38 -8.43
N TRP A 232 -39.41 -19.49 -7.97
CA TRP A 232 -39.08 -18.68 -6.82
C TRP A 232 -40.30 -18.47 -5.93
N GLU A 233 -40.00 -18.17 -4.67
CA GLU A 233 -41.00 -18.04 -3.62
C GLU A 233 -40.49 -17.00 -2.65
N GLU A 234 -41.39 -16.12 -2.19
CA GLU A 234 -41.05 -15.13 -1.19
C GLU A 234 -41.54 -15.62 0.16
N SER A 235 -40.76 -15.36 1.20
CA SER A 235 -41.15 -15.75 2.54
C SER A 235 -40.55 -14.77 3.54
N SER A 236 -41.22 -14.62 4.68
CA SER A 236 -40.62 -13.97 5.82
C SER A 236 -40.28 -14.96 6.93
N ASP A 237 -40.32 -16.26 6.66
CA ASP A 237 -40.15 -17.31 7.68
C ASP A 237 -38.85 -18.07 7.39
N LEU A 238 -37.74 -17.57 7.93
CA LEU A 238 -36.43 -18.16 7.63
C LEU A 238 -36.32 -19.58 8.17
N MET A 239 -36.89 -19.85 9.34
CA MET A 239 -36.83 -21.19 9.89
C MET A 239 -37.51 -22.21 8.99
N GLU A 240 -38.67 -21.87 8.42
CA GLU A 240 -39.32 -22.80 7.52
C GLU A 240 -38.49 -23.01 6.26
N VAL A 241 -38.04 -21.91 5.65
CA VAL A 241 -37.31 -22.02 4.40
C VAL A 241 -36.02 -22.80 4.58
N ALA A 242 -35.29 -22.53 5.67
CA ALA A 242 -33.94 -23.05 5.81
C ALA A 242 -33.92 -24.57 5.84
N SER A 243 -35.01 -25.19 6.32
CA SER A 243 -35.05 -26.64 6.38
C SER A 243 -35.13 -27.28 5.01
N LYS A 244 -35.45 -26.51 3.96
CA LYS A 244 -35.70 -27.04 2.64
C LYS A 244 -34.61 -26.69 1.64
N CYS A 245 -33.52 -26.07 2.09
CA CYS A 245 -32.58 -25.46 1.16
C CYS A 245 -31.23 -26.13 1.24
N ASP A 246 -30.56 -26.18 0.08
CA ASP A 246 -29.16 -26.60 0.05
C ASP A 246 -28.24 -25.48 0.53
N VAL A 247 -28.63 -24.23 0.31
CA VAL A 247 -27.77 -23.09 0.57
C VAL A 247 -28.63 -22.01 1.23
N VAL A 248 -28.12 -21.45 2.33
CA VAL A 248 -28.66 -20.25 2.93
C VAL A 248 -27.60 -19.18 2.76
N TYR A 249 -27.89 -18.17 1.94
CA TYR A 249 -26.96 -17.11 1.60
C TYR A 249 -27.46 -15.85 2.29
N GLN A 250 -26.70 -15.41 3.28
CA GLN A 250 -27.10 -14.37 4.22
C GLN A 250 -26.45 -13.03 3.90
N THR A 251 -27.20 -11.95 4.12
CA THR A 251 -26.70 -10.59 4.03
C THR A 251 -27.37 -9.81 5.15
N ARG A 252 -26.80 -8.66 5.49
CA ARG A 252 -27.39 -7.85 6.54
C ARG A 252 -28.48 -6.95 6.01
N ILE A 253 -29.43 -6.64 6.88
CA ILE A 253 -30.41 -5.58 6.65
C ILE A 253 -30.03 -4.45 7.59
N GLN A 254 -29.49 -3.37 7.02
CA GLN A 254 -29.11 -2.21 7.83
C GLN A 254 -30.34 -1.54 8.40
N ARG A 255 -30.19 -1.01 9.62
CA ARG A 255 -31.32 -0.37 10.30
C ARG A 255 -31.93 0.73 9.44
N GLU A 256 -31.08 1.46 8.71
CA GLU A 256 -31.55 2.58 7.91
C GLU A 256 -32.56 2.17 6.85
N ARG A 257 -32.53 0.90 6.42
CA ARG A 257 -33.43 0.47 5.36
C ARG A 257 -34.89 0.44 5.80
N PHE A 258 -35.14 0.44 7.11
CA PHE A 258 -36.51 0.56 7.62
C PHE A 258 -36.98 2.01 7.66
N GLY A 259 -36.10 2.97 7.39
CA GLY A 259 -36.52 4.36 7.39
C GLY A 259 -37.10 4.73 8.74
N GLU A 260 -38.19 5.47 8.72
CA GLU A 260 -38.80 5.85 10.00
C GLU A 260 -39.75 4.78 10.53
N ARG A 261 -39.87 3.63 9.87
CA ARG A 261 -40.82 2.59 10.30
C ARG A 261 -40.20 1.73 11.39
N LEU A 262 -40.12 2.31 12.59
CA LEU A 262 -39.64 1.55 13.74
C LEU A 262 -40.51 0.31 13.97
N ASP A 263 -41.80 0.37 13.66
CA ASP A 263 -42.65 -0.79 13.86
C ASP A 263 -42.15 -1.97 13.03
N LEU A 264 -41.71 -1.72 11.80
CA LEU A 264 -41.25 -2.81 10.95
C LEU A 264 -39.87 -3.29 11.40
N TYR A 265 -39.04 -2.38 11.88
CA TYR A 265 -37.76 -2.79 12.43
C TYR A 265 -37.95 -3.74 13.61
N GLU A 266 -38.92 -3.43 14.47
CA GLU A 266 -39.19 -4.26 15.64
C GLU A 266 -39.82 -5.60 15.24
N ALA A 267 -40.70 -5.60 14.24
CA ALA A 267 -41.30 -6.85 13.79
C ALA A 267 -40.28 -7.79 13.16
N ALA A 268 -39.22 -7.26 12.56
CA ALA A 268 -38.19 -8.07 11.94
C ALA A 268 -37.10 -8.51 12.91
N ARG A 269 -37.05 -7.91 14.09
CA ARG A 269 -35.95 -8.12 15.01
C ARG A 269 -35.84 -9.59 15.38
N GLY A 270 -34.65 -10.15 15.19
CA GLY A 270 -34.40 -11.51 15.57
C GLY A 270 -34.97 -12.57 14.65
N LYS A 271 -35.56 -12.17 13.52
CA LYS A 271 -36.21 -13.12 12.63
C LYS A 271 -35.42 -13.44 11.37
N PHE A 272 -34.34 -12.71 11.08
CA PHE A 272 -33.56 -12.92 9.86
C PHE A 272 -32.11 -13.14 10.21
N ILE A 273 -31.87 -13.82 11.34
CA ILE A 273 -30.55 -14.14 11.85
C ILE A 273 -30.23 -15.60 11.60
N VAL A 274 -28.98 -15.87 11.25
CA VAL A 274 -28.49 -17.25 11.21
C VAL A 274 -27.83 -17.52 12.55
N ASP A 275 -28.44 -18.39 13.36
CA ASP A 275 -27.98 -18.73 14.69
C ASP A 275 -28.00 -20.25 14.83
N LYS A 276 -27.60 -20.73 16.01
CA LYS A 276 -27.55 -22.18 16.25
C LYS A 276 -28.92 -22.83 16.06
N ASP A 277 -29.99 -22.14 16.46
CA ASP A 277 -31.32 -22.71 16.29
C ASP A 277 -31.64 -22.91 14.81
N LEU A 278 -31.22 -21.98 13.97
CA LEU A 278 -31.45 -22.15 12.53
C LEU A 278 -30.67 -23.34 12.00
N LEU A 279 -29.40 -23.46 12.38
CA LEU A 279 -28.64 -24.62 11.94
C LEU A 279 -29.31 -25.92 12.35
N GLY A 280 -29.99 -25.92 13.51
CA GLY A 280 -30.67 -27.11 13.99
C GLY A 280 -31.76 -27.64 13.08
N VAL A 281 -32.36 -26.79 12.24
CA VAL A 281 -33.38 -27.27 11.30
C VAL A 281 -32.82 -27.56 9.92
N MET A 282 -31.55 -27.24 9.67
CA MET A 282 -31.01 -27.38 8.34
C MET A 282 -30.52 -28.81 8.09
N GLN A 283 -30.49 -29.17 6.82
CA GLN A 283 -30.02 -30.48 6.41
C GLN A 283 -28.52 -30.62 6.66
N LYS A 284 -28.07 -31.87 6.85
CA LYS A 284 -26.68 -32.11 7.20
C LYS A 284 -25.74 -31.64 6.11
N LYS A 285 -26.17 -31.68 4.85
CA LYS A 285 -25.30 -31.34 3.73
C LYS A 285 -25.58 -29.95 3.16
N ALA A 286 -26.35 -29.14 3.87
CA ALA A 286 -26.57 -27.75 3.46
C ALA A 286 -25.43 -26.87 3.97
N ILE A 287 -25.39 -25.62 3.47
CA ILE A 287 -24.35 -24.68 3.86
C ILE A 287 -24.93 -23.30 4.14
N ILE A 288 -24.15 -22.53 4.90
CA ILE A 288 -24.36 -21.11 5.12
C ILE A 288 -23.28 -20.36 4.36
N MET A 289 -23.69 -19.39 3.55
CA MET A 289 -22.80 -18.49 2.80
C MET A 289 -23.08 -17.05 3.22
N HIS A 290 -22.10 -16.19 3.00
CA HIS A 290 -22.21 -14.77 3.28
C HIS A 290 -21.08 -14.10 2.52
N PRO A 291 -21.34 -13.07 1.71
CA PRO A 291 -20.24 -12.46 0.94
C PRO A 291 -19.21 -11.74 1.80
N LEU A 292 -19.57 -11.35 3.02
CA LEU A 292 -18.73 -10.66 4.00
C LEU A 292 -18.48 -9.22 3.57
N PRO A 293 -18.25 -8.32 4.51
CA PRO A 293 -18.19 -8.53 5.96
C PRO A 293 -19.56 -8.78 6.57
N ARG A 294 -19.56 -9.54 7.64
CA ARG A 294 -20.78 -9.74 8.41
C ARG A 294 -20.69 -8.96 9.71
N LEU A 295 -21.85 -8.72 10.28
CA LEU A 295 -22.00 -8.28 11.65
C LEU A 295 -22.83 -9.36 12.35
N ASP A 296 -23.73 -9.00 13.23
CA ASP A 296 -24.33 -10.00 14.08
C ASP A 296 -25.42 -10.82 13.40
N GLU A 297 -25.61 -10.68 12.09
CA GLU A 297 -26.62 -11.46 11.40
C GLU A 297 -26.23 -12.92 11.20
N ILE A 298 -24.98 -13.29 11.46
CA ILE A 298 -24.59 -14.67 11.67
C ILE A 298 -23.88 -14.70 13.01
N THR A 299 -24.38 -15.51 13.94
CA THR A 299 -23.78 -15.52 15.27
C THR A 299 -22.44 -16.27 15.25
N ALA A 300 -21.62 -15.98 16.26
CA ALA A 300 -20.30 -16.59 16.31
C ALA A 300 -20.38 -18.09 16.51
N ASP A 301 -21.43 -18.58 17.19
CA ASP A 301 -21.62 -20.02 17.40
C ASP A 301 -21.72 -20.77 16.08
N VAL A 302 -22.35 -20.15 15.08
CA VAL A 302 -22.55 -20.81 13.80
C VAL A 302 -21.21 -21.16 13.19
N ASP A 303 -20.19 -20.33 13.44
CA ASP A 303 -18.89 -20.55 12.84
C ASP A 303 -18.33 -21.92 13.17
N ALA A 304 -18.74 -22.50 14.30
CA ALA A 304 -18.16 -23.77 14.75
C ALA A 304 -18.72 -24.96 13.99
N ASP A 305 -19.77 -24.74 13.19
CA ASP A 305 -20.41 -25.81 12.44
C ASP A 305 -19.67 -26.00 11.11
N PRO A 306 -19.35 -27.23 10.72
CA PRO A 306 -18.74 -27.44 9.40
C PRO A 306 -19.52 -26.88 8.23
N ARG A 307 -20.83 -26.67 8.38
CA ARG A 307 -21.65 -26.11 7.32
C ARG A 307 -21.47 -24.61 7.13
N ALA A 308 -20.74 -23.94 8.01
CA ALA A 308 -20.44 -22.51 7.89
C ALA A 308 -19.36 -22.35 6.82
N ALA A 309 -19.78 -21.92 5.63
CA ALA A 309 -18.92 -21.97 4.47
C ALA A 309 -18.35 -20.62 4.06
N TYR A 310 -18.65 -19.53 4.79
CA TYR A 310 -18.31 -18.19 4.32
C TYR A 310 -16.80 -17.92 4.30
N PHE A 311 -15.99 -18.57 5.13
CA PHE A 311 -14.54 -18.38 4.95
C PHE A 311 -13.97 -19.25 3.83
N ARG A 312 -14.52 -20.45 3.62
CA ARG A 312 -14.15 -21.22 2.44
C ARG A 312 -14.54 -20.48 1.17
N GLN A 313 -15.70 -19.82 1.20
CA GLN A 313 -16.18 -19.02 0.09
C GLN A 313 -15.18 -17.91 -0.24
N ALA A 314 -14.72 -17.18 0.78
CA ALA A 314 -13.72 -16.16 0.54
C ALA A 314 -12.45 -16.75 -0.07
N LYS A 315 -12.01 -17.91 0.42
CA LYS A 315 -10.82 -18.52 -0.15
C LYS A 315 -11.05 -18.89 -1.61
N ASN A 316 -12.25 -19.34 -1.95
CA ASN A 316 -12.55 -19.66 -3.34
C ASN A 316 -12.41 -18.45 -4.24
N GLY A 317 -12.61 -17.24 -3.71
CA GLY A 317 -12.34 -16.05 -4.50
C GLY A 317 -10.91 -15.97 -5.00
N LEU A 318 -9.96 -16.48 -4.23
CA LEU A 318 -8.57 -16.53 -4.70
C LEU A 318 -8.45 -17.36 -5.97
N PHE A 319 -9.07 -18.53 -5.99
CA PHE A 319 -8.93 -19.41 -7.14
C PHE A 319 -9.63 -18.83 -8.35
N ILE A 320 -10.84 -18.27 -8.16
CA ILE A 320 -11.56 -17.65 -9.27
C ILE A 320 -10.77 -16.48 -9.83
N ARG A 321 -10.19 -15.65 -8.97
CA ARG A 321 -9.45 -14.49 -9.45
C ARG A 321 -8.14 -14.89 -10.09
N MET A 322 -7.46 -15.92 -9.59
CA MET A 322 -6.33 -16.48 -10.31
C MET A 322 -6.75 -16.86 -11.73
N ALA A 323 -7.88 -17.57 -11.85
CA ALA A 323 -8.33 -18.01 -13.16
C ALA A 323 -8.55 -16.83 -14.10
N LEU A 324 -9.23 -15.80 -13.62
CA LEU A 324 -9.55 -14.65 -14.47
C LEU A 324 -8.30 -13.88 -14.87
N LEU A 325 -7.36 -13.69 -13.96
CA LEU A 325 -6.12 -13.02 -14.32
C LEU A 325 -5.37 -13.81 -15.38
N LYS A 326 -5.27 -15.13 -15.22
CA LYS A 326 -4.63 -15.96 -16.24
C LYS A 326 -5.34 -15.80 -17.58
N LEU A 327 -6.66 -15.93 -17.59
CA LEU A 327 -7.38 -15.90 -18.86
C LEU A 327 -7.27 -14.54 -19.53
N LEU A 328 -7.36 -13.46 -18.76
CA LEU A 328 -7.31 -12.14 -19.38
C LEU A 328 -5.91 -11.75 -19.85
N LEU A 329 -4.87 -12.28 -19.23
CA LEU A 329 -3.51 -11.87 -19.58
C LEU A 329 -2.81 -12.82 -20.55
N VAL A 330 -3.00 -14.13 -20.43
CA VAL A 330 -2.36 -15.09 -21.31
C VAL A 330 -3.32 -15.95 -22.09
N GLY A 331 -4.63 -15.86 -21.82
CA GLY A 331 -5.62 -16.59 -22.58
C GLY A 331 -5.71 -18.04 -22.16
N TRP A 332 -6.40 -18.83 -23.00
CA TRP A 332 -6.56 -20.25 -22.78
C TRP A 332 -5.29 -20.97 -23.22
N PRO B 21 31.76 0.66 -19.20
CA PRO B 21 31.08 0.78 -17.91
C PRO B 21 31.76 1.78 -16.97
N HIS B 22 30.97 2.68 -16.38
CA HIS B 22 31.51 3.62 -15.42
C HIS B 22 30.36 4.12 -14.56
N MET B 23 30.71 4.67 -13.40
CA MET B 23 29.70 5.12 -12.46
C MET B 23 28.91 6.28 -13.05
N PHE B 24 27.63 6.31 -12.73
CA PHE B 24 26.84 7.49 -13.00
C PHE B 24 27.43 8.67 -12.24
N GLU B 25 27.51 9.81 -12.93
CA GLU B 25 28.14 10.98 -12.35
C GLU B 25 27.29 11.64 -11.28
N LEU B 26 26.02 11.30 -11.16
CA LEU B 26 25.18 11.84 -10.12
C LEU B 26 25.02 10.79 -9.02
N SER B 27 25.07 11.24 -7.77
CA SER B 27 24.77 10.34 -6.65
CA SER B 27 24.77 10.34 -6.65
C SER B 27 23.30 10.38 -6.25
N ASP B 28 22.57 11.40 -6.69
CA ASP B 28 21.17 11.61 -6.36
C ASP B 28 20.58 12.38 -7.53
N VAL B 29 19.26 12.35 -7.67
CA VAL B 29 18.58 13.16 -8.68
C VAL B 29 17.67 14.12 -7.94
N ILE B 30 18.11 15.38 -7.82
CA ILE B 30 17.50 16.35 -6.93
C ILE B 30 17.04 17.61 -7.67
N GLU B 31 17.84 18.11 -8.62
CA GLU B 31 17.54 19.40 -9.23
C GLU B 31 18.01 19.43 -10.67
N GLY B 32 17.32 20.25 -11.47
CA GLY B 32 17.66 20.38 -12.88
C GLY B 32 19.09 20.79 -13.14
N LYS B 33 19.68 21.61 -12.27
CA LYS B 33 21.01 22.13 -12.56
C LYS B 33 22.09 21.06 -12.49
N GLN B 34 21.76 19.84 -12.06
CA GLN B 34 22.74 18.76 -12.10
C GLN B 34 23.00 18.26 -13.51
N PHE B 35 22.18 18.65 -14.50
CA PHE B 35 22.20 18.05 -15.82
C PHE B 35 22.76 19.02 -16.85
N ASP B 36 23.69 18.52 -17.66
CA ASP B 36 24.16 19.24 -18.85
C ASP B 36 23.65 18.54 -20.10
N ARG B 37 23.84 19.20 -21.26
CA ARG B 37 23.31 18.68 -22.51
C ARG B 37 23.78 17.25 -22.77
N GLU B 38 25.08 17.01 -22.61
CA GLU B 38 25.65 15.69 -22.87
C GLU B 38 24.98 14.63 -22.02
N MET B 39 24.80 14.92 -20.73
N MET B 39 24.79 14.92 -20.73
CA MET B 39 24.16 13.98 -19.83
CA MET B 39 24.16 13.95 -19.84
C MET B 39 22.70 13.72 -20.23
C MET B 39 22.70 13.72 -20.23
N LEU B 40 21.98 14.78 -20.59
CA LEU B 40 20.59 14.61 -21.01
C LEU B 40 20.51 13.69 -22.21
N SER B 41 21.32 13.97 -23.25
CA SER B 41 21.26 13.15 -24.46
C SER B 41 21.58 11.69 -24.14
N ALA B 42 22.53 11.46 -23.24
CA ALA B 42 22.92 10.10 -22.89
C ALA B 42 21.81 9.40 -22.11
N ILE B 43 21.17 10.11 -21.18
CA ILE B 43 20.03 9.52 -20.46
C ILE B 43 18.92 9.16 -21.43
N PHE B 44 18.66 10.02 -22.41
CA PHE B 44 17.58 9.75 -23.36
C PHE B 44 17.89 8.50 -24.18
N ASP B 45 19.15 8.27 -24.52
CA ASP B 45 19.51 7.03 -25.18
C ASP B 45 19.26 5.83 -24.28
N VAL B 46 19.56 5.94 -22.98
CA VAL B 46 19.25 4.84 -22.08
C VAL B 46 17.74 4.62 -21.99
N ALA B 47 16.97 5.70 -21.95
CA ALA B 47 15.52 5.56 -21.92
C ALA B 47 15.00 4.79 -23.14
N ARG B 48 15.59 5.03 -24.33
CA ARG B 48 15.20 4.27 -25.51
C ARG B 48 15.52 2.79 -25.35
N GLU B 49 16.65 2.47 -24.70
N GLU B 49 16.64 2.46 -24.69
CA GLU B 49 16.95 1.08 -24.37
CA GLU B 49 16.91 1.05 -24.40
C GLU B 49 15.89 0.51 -23.43
C GLU B 49 15.90 0.50 -23.41
N MET B 50 15.47 1.30 -22.43
CA MET B 50 14.45 0.84 -21.51
C MET B 50 13.12 0.60 -22.19
N GLU B 51 12.79 1.39 -23.22
N GLU B 51 12.78 1.41 -23.20
CA GLU B 51 11.57 1.14 -23.97
CA GLU B 51 11.59 1.15 -24.00
C GLU B 51 11.61 -0.23 -24.65
C GLU B 51 11.63 -0.26 -24.56
N LYS B 52 12.78 -0.65 -25.12
CA LYS B 52 12.88 -1.97 -25.74
C LYS B 52 12.67 -3.05 -24.69
N ILE B 53 13.24 -2.85 -23.50
CA ILE B 53 13.05 -3.81 -22.41
C ILE B 53 11.58 -3.91 -22.02
N GLU B 54 10.91 -2.76 -21.89
CA GLU B 54 9.52 -2.76 -21.44
C GLU B 54 8.60 -3.42 -22.45
N LYS B 55 8.93 -3.34 -23.74
CA LYS B 55 8.10 -3.96 -24.76
C LYS B 55 8.32 -5.45 -24.88
N SER B 56 9.43 -5.96 -24.32
N SER B 56 9.42 -5.96 -24.32
CA SER B 56 9.75 -7.37 -24.46
CA SER B 56 9.76 -7.37 -24.45
C SER B 56 8.85 -8.23 -23.57
C SER B 56 8.87 -8.22 -23.55
N SER B 57 8.71 -9.49 -23.95
CA SER B 57 7.96 -10.45 -23.15
C SER B 57 8.77 -10.96 -21.97
N SER B 58 10.10 -10.90 -22.07
CA SER B 58 10.98 -11.45 -21.05
C SER B 58 11.11 -10.46 -19.91
N GLN B 59 11.00 -10.96 -18.68
CA GLN B 59 11.19 -10.13 -17.51
C GLN B 59 12.68 -9.81 -17.31
N SER B 60 12.97 -8.52 -17.21
CA SER B 60 14.33 -8.07 -16.96
C SER B 60 14.74 -8.38 -15.52
N GLU B 61 16.03 -8.67 -15.34
CA GLU B 61 16.59 -8.89 -14.01
C GLU B 61 17.72 -7.91 -13.71
N ILE B 62 17.78 -6.78 -14.43
CA ILE B 62 18.86 -5.81 -14.23
C ILE B 62 18.97 -5.38 -12.78
N LEU B 63 17.83 -5.13 -12.12
CA LEU B 63 17.80 -4.66 -10.74
C LEU B 63 17.33 -5.73 -9.77
N LYS B 64 17.44 -6.99 -10.14
CA LYS B 64 17.16 -8.06 -9.19
C LYS B 64 18.02 -7.87 -7.96
N GLY B 65 17.38 -8.00 -6.80
CA GLY B 65 18.06 -7.88 -5.53
C GLY B 65 18.05 -6.48 -4.94
N TYR B 66 17.66 -5.46 -5.70
CA TYR B 66 17.63 -4.10 -5.20
C TYR B 66 16.23 -3.75 -4.71
N LEU B 67 16.17 -2.95 -3.66
CA LEU B 67 14.92 -2.51 -3.07
C LEU B 67 14.82 -0.99 -3.09
N MET B 68 13.69 -0.50 -3.60
CA MET B 68 13.35 0.91 -3.55
C MET B 68 12.39 1.14 -2.41
N ALA B 69 12.61 2.20 -1.65
CA ALA B 69 11.64 2.68 -0.69
C ALA B 69 11.03 3.96 -1.21
N THR B 70 9.71 4.02 -1.29
CA THR B 70 9.03 5.27 -1.62
C THR B 70 8.55 5.99 -0.36
N LEU B 71 8.55 7.29 -0.42
CA LEU B 71 8.08 8.13 0.69
C LEU B 71 7.24 9.23 0.04
N PHE B 72 5.94 9.03 -0.02
CA PHE B 72 5.01 10.00 -0.62
C PHE B 72 4.26 10.72 0.48
N TYR B 73 4.61 11.98 0.68
CA TYR B 73 3.93 12.83 1.65
C TYR B 73 2.80 13.64 1.03
N GLU B 74 2.66 13.62 -0.29
CA GLU B 74 1.59 14.27 -1.02
CA GLU B 74 1.60 14.28 -1.03
C GLU B 74 1.07 13.28 -2.05
N PRO B 75 -0.18 13.44 -2.47
CA PRO B 75 -0.78 12.50 -3.43
C PRO B 75 -0.06 12.47 -4.76
N SER B 76 -0.13 11.31 -5.42
CA SER B 76 0.51 11.13 -6.70
C SER B 76 -0.14 9.94 -7.42
N THR B 77 -0.32 10.07 -8.72
CA THR B 77 -0.64 8.94 -9.58
C THR B 77 0.53 8.64 -10.49
N ARG B 78 0.94 9.58 -11.33
CA ARG B 78 1.98 9.31 -12.31
C ARG B 78 3.33 9.03 -11.66
N THR B 79 3.79 9.92 -10.79
CA THR B 79 5.18 9.80 -10.32
C THR B 79 5.33 8.56 -9.44
N ARG B 80 4.41 8.35 -8.51
CA ARG B 80 4.47 7.20 -7.62
C ARG B 80 4.41 5.88 -8.42
N LEU B 81 3.42 5.75 -9.30
CA LEU B 81 3.22 4.49 -9.97
C LEU B 81 4.27 4.24 -11.04
N SER B 82 4.73 5.29 -11.73
CA SER B 82 5.77 5.07 -12.73
C SER B 82 7.08 4.63 -12.09
N PHE B 83 7.44 5.20 -10.92
CA PHE B 83 8.67 4.75 -10.27
C PHE B 83 8.55 3.30 -9.82
N GLU B 84 7.39 2.93 -9.27
CA GLU B 84 7.23 1.56 -8.79
CA GLU B 84 7.22 1.55 -8.79
C GLU B 84 7.21 0.58 -9.96
N SER B 85 6.50 0.93 -11.03
CA SER B 85 6.50 0.11 -12.23
C SER B 85 7.91 0.01 -12.82
N ALA B 86 8.64 1.12 -12.88
CA ALA B 86 9.99 1.09 -13.42
C ALA B 86 10.86 0.10 -12.67
N MET B 87 10.78 0.16 -11.34
CA MET B 87 11.61 -0.73 -10.52
C MET B 87 11.25 -2.18 -10.80
N LYS B 88 9.95 -2.51 -10.80
CA LYS B 88 9.50 -3.88 -10.99
C LYS B 88 9.75 -4.35 -12.42
N ARG B 89 9.63 -3.47 -13.41
CA ARG B 89 9.93 -3.87 -14.80
C ARG B 89 11.41 -4.23 -14.94
N LEU B 90 12.27 -3.67 -14.09
CA LEU B 90 13.70 -4.02 -14.10
C LEU B 90 14.03 -5.18 -13.17
N GLY B 91 13.05 -5.76 -12.49
CA GLY B 91 13.29 -6.91 -11.63
C GLY B 91 13.57 -6.59 -10.19
N GLY B 92 13.52 -5.32 -9.80
CA GLY B 92 13.69 -4.96 -8.41
C GLY B 92 12.38 -5.00 -7.66
N GLU B 93 12.48 -4.68 -6.37
CA GLU B 93 11.29 -4.67 -5.52
C GLU B 93 11.15 -3.32 -4.84
N VAL B 94 9.97 -3.11 -4.24
CA VAL B 94 9.57 -1.80 -3.74
C VAL B 94 8.92 -1.96 -2.38
N LEU B 95 9.29 -1.08 -1.46
CA LEU B 95 8.65 -0.91 -0.16
C LEU B 95 7.95 0.43 -0.20
N THR B 96 6.63 0.44 -0.20
CA THR B 96 5.91 1.69 -0.38
C THR B 96 5.48 2.32 0.94
N THR B 97 5.55 3.65 0.99
CA THR B 97 4.94 4.44 2.07
C THR B 97 4.18 5.52 1.31
N GLU B 98 2.85 5.32 1.19
CA GLU B 98 2.02 5.99 0.21
C GLU B 98 1.34 7.22 0.76
N ASN B 99 1.18 7.29 2.08
CA ASN B 99 0.71 8.50 2.74
C ASN B 99 1.57 8.60 4.00
N ALA B 100 2.76 9.19 3.86
CA ALA B 100 3.71 9.18 4.95
C ALA B 100 3.26 10.05 6.12
N ARG B 101 2.53 11.13 5.85
CA ARG B 101 2.06 11.98 6.94
C ARG B 101 1.19 11.21 7.92
N GLU B 102 0.51 10.17 7.44
CA GLU B 102 -0.57 9.52 8.17
C GLU B 102 -0.24 8.13 8.66
N PHE B 103 0.48 7.33 7.87
CA PHE B 103 0.67 5.92 8.18
C PHE B 103 2.12 5.54 8.45
N SER B 104 3.06 6.47 8.21
CA SER B 104 4.42 6.33 8.67
C SER B 104 4.56 6.93 10.07
N SER B 105 5.64 6.60 10.73
CA SER B 105 5.86 7.20 12.04
C SER B 105 6.24 8.72 11.94
N ALA B 106 6.17 9.35 10.75
CA ALA B 106 6.09 10.81 10.71
C ALA B 106 4.83 11.29 11.43
N ALA B 107 3.78 10.44 11.47
CA ALA B 107 2.57 10.77 12.20
C ALA B 107 2.83 10.94 13.69
N LYS B 108 3.90 10.33 14.21
CA LYS B 108 4.30 10.48 15.59
C LYS B 108 5.20 11.70 15.84
N GLY B 109 5.64 12.40 14.77
CA GLY B 109 6.39 13.66 14.89
C GLY B 109 7.82 13.65 14.35
N GLU B 110 8.18 12.54 13.73
CA GLU B 110 9.56 12.30 13.40
C GLU B 110 10.13 13.27 12.36
N THR B 111 11.39 13.64 12.56
CA THR B 111 12.08 14.51 11.60
C THR B 111 12.37 13.74 10.31
N LEU B 112 12.52 14.52 9.23
CA LEU B 112 12.89 13.94 7.95
C LEU B 112 14.22 13.21 8.02
N GLU B 113 15.20 13.83 8.69
CA GLU B 113 16.52 13.20 8.78
C GLU B 113 16.43 11.83 9.45
N ASP B 114 15.64 11.73 10.52
CA ASP B 114 15.49 10.43 11.19
C ASP B 114 14.78 9.44 10.29
N THR B 115 13.76 9.90 9.56
CA THR B 115 13.06 9.02 8.63
C THR B 115 14.01 8.47 7.58
N ILE B 116 14.83 9.34 6.99
CA ILE B 116 15.74 8.92 5.93
C ILE B 116 16.78 7.95 6.45
N ARG B 117 17.41 8.27 7.60
CA ARG B 117 18.40 7.35 8.14
C ARG B 117 17.78 5.99 8.42
N THR B 118 16.55 5.99 8.96
CA THR B 118 15.82 4.75 9.22
C THR B 118 15.60 3.96 7.95
N VAL B 119 15.00 4.61 6.95
CA VAL B 119 14.55 3.88 5.77
C VAL B 119 15.73 3.34 4.98
N GLU B 120 16.87 4.03 5.01
CA GLU B 120 18.02 3.51 4.27
C GLU B 120 18.48 2.16 4.82
N GLY B 121 18.16 1.84 6.07
CA GLY B 121 18.52 0.54 6.59
C GLY B 121 17.79 -0.61 5.94
N TYR B 122 16.71 -0.31 5.22
CA TYR B 122 15.86 -1.35 4.64
C TYR B 122 15.92 -1.38 3.12
N SER B 123 16.63 -0.45 2.49
CA SER B 123 16.47 -0.23 1.06
C SER B 123 17.78 0.20 0.45
N ASP B 124 17.78 0.24 -0.89
CA ASP B 124 18.95 0.63 -1.67
C ASP B 124 18.82 1.98 -2.38
N ILE B 125 17.60 2.48 -2.53
CA ILE B 125 17.35 3.77 -3.15
C ILE B 125 16.04 4.28 -2.60
N ILE B 126 15.95 5.60 -2.42
CA ILE B 126 14.76 6.25 -1.86
C ILE B 126 14.19 7.21 -2.89
N VAL B 127 12.89 7.14 -3.11
CA VAL B 127 12.15 8.04 -3.98
C VAL B 127 11.19 8.79 -3.07
N MET B 128 11.30 10.12 -3.02
CA MET B 128 10.52 10.88 -2.06
C MET B 128 9.82 12.06 -2.71
N ARG B 129 8.51 12.19 -2.45
CA ARG B 129 7.75 13.41 -2.73
C ARG B 129 7.37 14.02 -1.37
N HIS B 130 8.00 15.14 -1.03
CA HIS B 130 7.73 15.81 0.22
C HIS B 130 6.78 16.98 -0.03
N PHE B 131 6.42 17.69 1.04
CA PHE B 131 5.59 18.88 0.92
C PHE B 131 6.36 20.18 1.14
N GLU B 132 7.61 20.13 1.57
CA GLU B 132 8.41 21.32 1.81
C GLU B 132 9.57 21.40 0.83
N SER B 133 9.74 22.58 0.23
CA SER B 133 10.89 22.80 -0.63
C SER B 133 12.17 22.67 0.19
N GLY B 134 13.16 21.99 -0.38
CA GLY B 134 14.41 21.73 0.29
C GLY B 134 14.49 20.38 0.97
N ALA B 135 13.36 19.67 1.07
CA ALA B 135 13.38 18.36 1.71
C ALA B 135 14.26 17.38 0.95
N ALA B 136 14.15 17.35 -0.39
CA ALA B 136 14.94 16.40 -1.16
C ALA B 136 16.44 16.60 -0.93
N ARG B 137 16.88 17.87 -0.94
CA ARG B 137 18.30 18.14 -0.71
C ARG B 137 18.73 17.67 0.67
N LYS B 138 17.91 17.93 1.68
CA LYS B 138 18.24 17.47 3.04
C LYS B 138 18.27 15.95 3.09
N ALA B 139 17.37 15.27 2.38
CA ALA B 139 17.37 13.81 2.39
C ALA B 139 18.63 13.26 1.73
N ALA B 140 19.05 13.84 0.61
CA ALA B 140 20.26 13.37 -0.05
C ALA B 140 21.49 13.57 0.83
N ALA B 141 21.55 14.69 1.55
CA ALA B 141 22.68 14.93 2.43
C ALA B 141 22.71 13.94 3.60
N THR B 142 21.54 13.51 4.09
CA THR B 142 21.49 12.55 5.18
C THR B 142 21.82 11.14 4.69
N ALA B 143 21.29 10.74 3.54
CA ALA B 143 21.36 9.37 3.09
C ALA B 143 22.71 9.01 2.50
N ASN B 144 23.14 7.77 2.73
CA ASN B 144 24.30 7.19 2.08
C ASN B 144 23.91 6.27 0.93
N ILE B 145 22.65 6.34 0.50
CA ILE B 145 22.17 5.65 -0.69
C ILE B 145 21.54 6.72 -1.56
N PRO B 146 21.35 6.45 -2.86
CA PRO B 146 20.77 7.46 -3.74
C PRO B 146 19.35 7.85 -3.35
N VAL B 147 19.07 9.14 -3.50
CA VAL B 147 17.75 9.73 -3.29
C VAL B 147 17.31 10.35 -4.60
N ILE B 148 16.04 10.13 -4.96
CA ILE B 148 15.41 10.79 -6.10
C ILE B 148 14.27 11.66 -5.59
N ASN B 149 14.29 12.93 -5.99
CA ASN B 149 13.23 13.90 -5.71
C ASN B 149 12.08 13.67 -6.67
N ALA B 150 10.94 13.22 -6.13
CA ALA B 150 9.72 12.96 -6.88
C ALA B 150 8.75 14.14 -6.82
N GLY B 151 9.24 15.31 -6.44
CA GLY B 151 8.45 16.53 -6.27
C GLY B 151 8.69 17.02 -4.84
N ASP B 152 8.97 18.31 -4.72
CA ASP B 152 9.51 18.89 -3.49
C ASP B 152 8.68 20.10 -3.10
N GLY B 153 7.38 19.88 -2.87
CA GLY B 153 6.48 20.97 -2.54
C GLY B 153 6.45 22.04 -3.61
N PRO B 154 6.62 23.31 -3.24
CA PRO B 154 6.73 24.37 -4.25
C PRO B 154 8.02 24.30 -5.04
N GLY B 155 8.90 23.36 -4.75
CA GLY B 155 10.22 23.27 -5.35
C GLY B 155 10.25 22.44 -6.62
N GLU B 156 11.40 21.81 -6.87
CA GLU B 156 11.62 21.19 -8.17
C GLU B 156 11.06 19.78 -8.26
N HIS B 157 10.77 19.39 -9.50
CA HIS B 157 10.28 18.05 -9.88
C HIS B 157 11.15 17.61 -11.06
N PRO B 158 12.39 17.21 -10.79
CA PRO B 158 13.38 17.07 -11.88
C PRO B 158 13.08 15.94 -12.85
N THR B 159 12.52 14.83 -12.38
CA THR B 159 12.25 13.74 -13.33
C THR B 159 11.10 14.09 -14.26
N GLN B 160 10.17 14.92 -13.82
CA GLN B 160 9.17 15.45 -14.73
C GLN B 160 9.83 16.28 -15.84
N ALA B 161 10.80 17.12 -15.49
CA ALA B 161 11.47 17.90 -16.51
C ALA B 161 12.21 16.99 -17.49
N LEU B 162 12.87 15.95 -16.98
CA LEU B 162 13.57 15.02 -17.86
C LEU B 162 12.61 14.34 -18.82
N LEU B 163 11.48 13.84 -18.32
CA LEU B 163 10.54 13.15 -19.19
C LEU B 163 9.87 14.12 -20.16
N ASP B 164 9.67 15.38 -19.76
CA ASP B 164 9.13 16.38 -20.68
C ASP B 164 10.08 16.60 -21.85
N VAL B 165 11.37 16.80 -21.57
CA VAL B 165 12.32 17.04 -22.65
C VAL B 165 12.44 15.80 -23.52
N TYR B 166 12.47 14.62 -22.90
CA TYR B 166 12.53 13.39 -23.66
C TYR B 166 11.32 13.25 -24.57
N THR B 167 10.15 13.63 -24.08
CA THR B 167 8.94 13.50 -24.89
C THR B 167 9.02 14.42 -26.11
N ILE B 168 9.52 15.65 -25.93
CA ILE B 168 9.68 16.54 -27.07
C ILE B 168 10.63 15.91 -28.09
N GLN B 169 11.76 15.39 -27.62
CA GLN B 169 12.71 14.77 -28.53
C GLN B 169 12.08 13.61 -29.27
N SER B 170 11.29 12.79 -28.56
CA SER B 170 10.68 11.62 -29.17
CA SER B 170 10.68 11.62 -29.18
C SER B 170 9.60 12.01 -30.17
N GLU B 171 8.77 12.99 -29.82
CA GLU B 171 7.63 13.35 -30.66
C GLU B 171 8.03 14.22 -31.84
N ILE B 172 8.87 15.22 -31.60
CA ILE B 172 9.25 16.18 -32.65
C ILE B 172 10.47 15.69 -33.43
N GLY B 173 11.31 14.87 -32.81
CA GLY B 173 12.48 14.35 -33.47
C GLY B 173 13.75 15.12 -33.22
N LYS B 174 13.68 16.22 -32.49
CA LYS B 174 14.84 17.08 -32.27
C LYS B 174 14.55 17.97 -31.08
N LEU B 175 15.61 18.52 -30.52
CA LEU B 175 15.49 19.57 -29.52
C LEU B 175 16.08 20.90 -29.97
N ASP B 176 17.18 20.86 -30.70
CA ASP B 176 17.71 22.09 -31.26
C ASP B 176 16.72 22.65 -32.28
N GLY B 177 16.50 23.96 -32.22
CA GLY B 177 15.69 24.62 -33.23
C GLY B 177 14.20 24.47 -33.11
N ILE B 178 13.68 24.25 -31.91
CA ILE B 178 12.26 24.08 -31.73
C ILE B 178 11.64 25.32 -31.12
N SER B 179 10.33 25.41 -31.24
CA SER B 179 9.55 26.47 -30.62
C SER B 179 8.56 25.82 -29.67
N VAL B 180 8.54 26.29 -28.43
CA VAL B 180 7.72 25.73 -27.36
C VAL B 180 6.92 26.85 -26.72
N ALA B 181 5.62 26.65 -26.60
CA ALA B 181 4.79 27.54 -25.79
C ALA B 181 4.59 26.95 -24.41
N LEU B 182 4.81 27.76 -23.38
CA LEU B 182 4.56 27.41 -21.99
C LEU B 182 3.35 28.23 -21.54
N VAL B 183 2.31 27.56 -21.08
CA VAL B 183 1.00 28.18 -20.89
C VAL B 183 0.50 27.92 -19.47
N GLY B 184 0.04 28.98 -18.79
CA GLY B 184 -0.64 28.84 -17.51
C GLY B 184 -0.17 29.81 -16.45
N ASP B 185 -0.22 29.38 -15.20
CA ASP B 185 0.39 30.14 -14.12
C ASP B 185 1.90 29.93 -14.27
N LEU B 186 2.55 30.88 -14.93
CA LEU B 186 3.99 30.78 -15.14
C LEU B 186 4.77 31.30 -13.96
N ALA B 187 4.19 32.23 -13.20
CA ALA B 187 4.87 32.78 -12.03
C ALA B 187 5.21 31.68 -11.04
N ASN B 188 4.24 30.80 -10.76
CA ASN B 188 4.38 29.79 -9.72
C ASN B 188 4.55 28.40 -10.29
N GLY B 189 4.51 28.25 -11.61
CA GLY B 189 4.52 26.94 -12.22
C GLY B 189 5.86 26.22 -12.08
N ARG B 190 5.86 25.10 -11.37
CA ARG B 190 7.09 24.36 -11.14
C ARG B 190 7.57 23.70 -12.43
N THR B 191 6.67 23.04 -13.17
CA THR B 191 7.11 22.28 -14.32
C THR B 191 7.53 23.17 -15.48
N VAL B 192 6.86 24.32 -15.67
CA VAL B 192 7.25 25.18 -16.79
C VAL B 192 8.62 25.80 -16.54
N ARG B 193 8.89 26.18 -15.30
CA ARG B 193 10.19 26.74 -14.98
C ARG B 193 11.30 25.73 -15.23
N SER B 194 11.10 24.49 -14.79
CA SER B 194 12.15 23.48 -14.94
C SER B 194 12.31 23.05 -16.39
N LEU B 195 11.21 23.03 -17.15
CA LEU B 195 11.31 22.71 -18.57
C LEU B 195 12.08 23.79 -19.31
N ALA B 196 11.76 25.05 -19.04
CA ALA B 196 12.51 26.14 -19.65
C ALA B 196 13.99 26.01 -19.32
N TYR B 197 14.30 25.67 -18.06
CA TYR B 197 15.69 25.57 -17.64
C TYR B 197 16.43 24.54 -18.47
N LEU B 198 15.83 23.36 -18.68
CA LEU B 198 16.53 22.32 -19.43
C LEU B 198 16.55 22.60 -20.94
N LEU B 199 15.48 23.19 -21.48
CA LEU B 199 15.49 23.47 -22.90
C LEU B 199 16.61 24.43 -23.27
N ALA B 200 17.02 25.29 -22.34
CA ALA B 200 18.08 26.24 -22.62
C ALA B 200 19.42 25.57 -22.82
N LYS B 201 19.54 24.27 -22.52
CA LYS B 201 20.76 23.53 -22.79
C LYS B 201 20.96 23.24 -24.28
N PHE B 202 19.93 23.47 -25.08
CA PHE B 202 19.94 23.20 -26.51
C PHE B 202 19.97 24.50 -27.28
N LYS B 203 20.14 24.40 -28.59
CA LYS B 203 20.45 25.57 -29.39
C LYS B 203 19.24 25.99 -30.22
N ASP B 204 19.18 27.30 -30.48
CA ASP B 204 18.17 27.88 -31.37
C ASP B 204 16.76 27.56 -30.92
N VAL B 205 16.54 27.53 -29.63
CA VAL B 205 15.21 27.31 -29.06
C VAL B 205 14.51 28.65 -28.92
N LYS B 206 13.21 28.67 -29.21
CA LYS B 206 12.37 29.81 -28.89
C LYS B 206 11.23 29.37 -27.97
N ILE B 207 10.98 30.16 -26.93
CA ILE B 207 9.93 29.89 -25.95
C ILE B 207 8.94 31.04 -25.96
N TYR B 208 7.66 30.70 -26.06
CA TYR B 208 6.58 31.67 -25.88
C TYR B 208 5.98 31.48 -24.50
N PHE B 209 5.78 32.57 -23.77
CA PHE B 209 5.12 32.57 -22.48
C PHE B 209 3.70 33.09 -22.65
N VAL B 210 2.70 32.28 -22.32
CA VAL B 210 1.29 32.68 -22.39
C VAL B 210 0.67 32.49 -21.00
N SER B 211 0.20 33.59 -20.39
CA SER B 211 -0.30 33.52 -19.02
C SER B 211 -1.30 34.64 -18.79
N PRO B 212 -2.20 34.50 -17.82
CA PRO B 212 -2.90 35.68 -17.29
C PRO B 212 -1.85 36.67 -16.80
N GLU B 213 -2.19 37.97 -16.90
CA GLU B 213 -1.22 39.01 -16.56
C GLU B 213 -0.72 38.88 -15.13
N ILE B 214 -1.57 38.40 -14.22
CA ILE B 214 -1.23 38.34 -12.81
C ILE B 214 -0.18 37.28 -12.49
N VAL B 215 0.02 36.30 -13.38
CA VAL B 215 0.94 35.20 -13.08
C VAL B 215 1.91 35.01 -14.23
N LYS B 216 2.58 36.09 -14.62
CA LYS B 216 3.57 36.01 -15.68
C LYS B 216 4.83 35.33 -15.17
N MET B 217 5.61 34.80 -16.11
CA MET B 217 6.90 34.22 -15.74
C MET B 217 7.74 35.27 -15.02
N LYS B 218 8.39 34.85 -13.93
CA LYS B 218 9.24 35.72 -13.15
C LYS B 218 10.52 36.08 -13.90
N ASP B 219 11.14 37.17 -13.48
CA ASP B 219 12.32 37.70 -14.17
C ASP B 219 13.52 36.79 -14.07
N ASP B 220 13.59 35.94 -13.04
CA ASP B 220 14.77 35.09 -12.88
C ASP B 220 14.91 34.11 -14.04
N ILE B 221 13.79 33.55 -14.49
CA ILE B 221 13.82 32.66 -15.66
C ILE B 221 14.06 33.46 -16.93
N LYS B 222 13.37 34.60 -17.08
CA LYS B 222 13.55 35.43 -18.28
C LYS B 222 15.02 35.77 -18.47
N ASP B 223 15.69 36.21 -17.39
CA ASP B 223 17.09 36.61 -17.51
C ASP B 223 17.99 35.41 -17.79
N TYR B 224 17.69 34.26 -17.20
CA TYR B 224 18.47 33.05 -17.48
C TYR B 224 18.34 32.63 -18.94
N LEU B 225 17.13 32.73 -19.49
CA LEU B 225 16.93 32.34 -20.88
C LEU B 225 17.72 33.26 -21.82
N THR B 226 17.55 34.58 -21.68
CA THR B 226 18.31 35.49 -22.52
C THR B 226 19.79 35.22 -22.36
N SER B 227 20.25 35.09 -21.12
CA SER B 227 21.66 34.80 -20.87
C SER B 227 22.13 33.53 -21.55
N SER B 228 21.24 32.56 -21.77
CA SER B 228 21.64 31.24 -22.24
C SER B 228 21.47 31.06 -23.74
N GLY B 229 20.97 32.05 -24.45
CA GLY B 229 20.79 31.94 -25.88
C GLY B 229 19.45 31.43 -26.33
N VAL B 230 18.41 31.60 -25.50
CA VAL B 230 17.05 31.25 -25.86
C VAL B 230 16.27 32.53 -26.13
N GLU B 231 15.62 32.59 -27.29
CA GLU B 231 14.71 33.68 -27.58
C GLU B 231 13.40 33.41 -26.88
N TRP B 232 12.76 34.45 -26.36
CA TRP B 232 11.46 34.30 -25.73
C TRP B 232 10.60 35.51 -26.01
N GLU B 233 9.30 35.30 -25.84
CA GLU B 233 8.29 36.28 -26.18
C GLU B 233 7.09 36.02 -25.30
N GLU B 234 6.55 37.06 -24.68
CA GLU B 234 5.30 36.96 -23.97
C GLU B 234 4.17 37.33 -24.91
N SER B 235 3.05 36.62 -24.78
CA SER B 235 1.88 36.91 -25.58
C SER B 235 0.63 36.52 -24.79
N SER B 236 -0.45 37.27 -25.02
N SER B 236 -0.45 37.25 -25.01
CA SER B 236 -1.76 36.95 -24.49
CA SER B 236 -1.76 36.92 -24.48
C SER B 236 -2.66 36.30 -25.53
C SER B 236 -2.66 36.29 -25.54
N ASP B 237 -2.11 35.99 -26.71
CA ASP B 237 -2.89 35.45 -27.83
C ASP B 237 -2.40 34.02 -28.03
N LEU B 238 -3.07 33.08 -27.35
CA LEU B 238 -2.68 31.67 -27.50
C LEU B 238 -2.93 31.15 -28.90
N MET B 239 -3.99 31.62 -29.57
CA MET B 239 -4.24 31.20 -30.94
C MET B 239 -3.10 31.64 -31.87
N GLU B 240 -2.60 32.86 -31.67
N GLU B 240 -2.57 32.85 -31.69
CA GLU B 240 -1.44 33.35 -32.42
CA GLU B 240 -1.44 33.24 -32.53
C GLU B 240 -0.23 32.47 -32.18
C GLU B 240 -0.21 32.41 -32.20
N VAL B 241 0.10 32.27 -30.91
CA VAL B 241 1.30 31.53 -30.52
C VAL B 241 1.21 30.07 -31.00
N ALA B 242 0.06 29.43 -30.79
CA ALA B 242 -0.02 27.99 -31.00
C ALA B 242 0.24 27.63 -32.45
N SER B 243 -0.02 28.54 -33.38
CA SER B 243 0.17 28.25 -34.80
C SER B 243 1.64 28.22 -35.19
N LYS B 244 2.53 28.73 -34.33
CA LYS B 244 3.95 28.87 -34.63
C LYS B 244 4.83 27.91 -33.85
N CYS B 245 4.25 26.99 -33.09
CA CYS B 245 5.00 26.19 -32.14
C CYS B 245 5.02 24.72 -32.54
N ASP B 246 6.13 24.06 -32.22
CA ASP B 246 6.17 22.60 -32.27
C ASP B 246 5.42 21.98 -31.10
N VAL B 247 5.41 22.66 -29.96
CA VAL B 247 4.91 22.13 -28.70
C VAL B 247 4.10 23.21 -28.02
N VAL B 248 2.90 22.84 -27.58
CA VAL B 248 2.10 23.66 -26.68
C VAL B 248 2.05 22.89 -25.37
N TYR B 249 2.71 23.43 -24.35
CA TYR B 249 2.82 22.81 -23.03
C TYR B 249 1.87 23.52 -22.09
N GLN B 250 0.76 22.87 -21.82
CA GLN B 250 -0.32 23.41 -21.01
C GLN B 250 -0.17 22.94 -19.56
N THR B 251 -0.63 23.77 -18.64
CA THR B 251 -0.59 23.43 -17.22
C THR B 251 -1.93 23.77 -16.58
N ARG B 252 -2.11 23.30 -15.34
CA ARG B 252 -3.36 23.49 -14.63
C ARG B 252 -3.27 24.73 -13.76
N ILE B 253 -4.28 25.61 -13.86
CA ILE B 253 -4.40 26.80 -13.01
C ILE B 253 -4.86 26.29 -11.66
N GLN B 254 -4.10 26.61 -10.60
CA GLN B 254 -4.34 26.04 -9.27
C GLN B 254 -4.73 27.08 -8.23
N ARG B 255 -5.79 26.72 -7.52
CA ARG B 255 -6.45 27.62 -6.60
C ARG B 255 -5.51 28.14 -5.52
N GLU B 256 -4.64 27.29 -5.00
CA GLU B 256 -3.83 27.68 -3.85
C GLU B 256 -2.98 28.92 -4.14
N ARG B 257 -2.58 29.11 -5.38
CA ARG B 257 -1.68 30.21 -5.70
C ARG B 257 -2.37 31.55 -5.61
N PHE B 258 -3.70 31.59 -5.54
CA PHE B 258 -4.47 32.81 -5.49
C PHE B 258 -4.92 33.16 -4.08
N GLY B 259 -4.42 32.45 -3.08
CA GLY B 259 -4.60 32.89 -1.70
C GLY B 259 -6.06 33.00 -1.35
N GLU B 260 -6.46 34.17 -0.84
CA GLU B 260 -7.83 34.43 -0.42
C GLU B 260 -8.60 35.20 -1.49
N ARG B 261 -8.27 35.01 -2.76
CA ARG B 261 -8.95 35.66 -3.88
C ARG B 261 -9.48 34.61 -4.85
N LEU B 262 -10.55 33.94 -4.44
CA LEU B 262 -11.21 32.99 -5.31
C LEU B 262 -11.65 33.64 -6.62
N ASP B 263 -12.05 34.91 -6.55
CA ASP B 263 -12.47 35.61 -7.76
C ASP B 263 -11.35 35.70 -8.77
N LEU B 264 -10.11 35.87 -8.29
CA LEU B 264 -8.98 35.97 -9.21
C LEU B 264 -8.64 34.60 -9.79
N TYR B 265 -8.76 33.55 -8.98
CA TYR B 265 -8.59 32.20 -9.51
C TYR B 265 -9.60 31.91 -10.62
N GLU B 266 -10.87 32.19 -10.37
CA GLU B 266 -11.88 31.90 -11.37
C GLU B 266 -11.66 32.70 -12.64
N ALA B 267 -11.26 33.97 -12.51
CA ALA B 267 -10.95 34.76 -13.69
C ALA B 267 -9.79 34.15 -14.49
N ALA B 268 -8.73 33.73 -13.80
CA ALA B 268 -7.57 33.19 -14.50
C ALA B 268 -7.88 31.84 -15.14
N ARG B 269 -8.71 31.04 -14.48
CA ARG B 269 -8.94 29.66 -14.88
C ARG B 269 -9.57 29.60 -16.26
N GLY B 270 -10.41 30.54 -16.60
CA GLY B 270 -11.07 30.39 -17.88
C GLY B 270 -10.33 30.87 -19.11
N LYS B 271 -9.10 31.38 -18.99
CA LYS B 271 -8.59 32.31 -20.00
C LYS B 271 -7.93 31.63 -21.19
N PHE B 272 -7.12 30.61 -20.94
CA PHE B 272 -6.29 29.97 -21.97
C PHE B 272 -6.60 28.48 -21.98
N ILE B 273 -7.49 28.08 -22.87
CA ILE B 273 -7.98 26.71 -22.96
C ILE B 273 -7.44 26.12 -24.25
N VAL B 274 -6.95 24.88 -24.17
CA VAL B 274 -6.64 24.11 -25.36
C VAL B 274 -7.91 23.37 -25.75
N ASP B 275 -8.54 23.78 -26.85
CA ASP B 275 -9.81 23.23 -27.30
C ASP B 275 -9.72 22.91 -28.79
N LYS B 276 -10.85 22.44 -29.36
CA LYS B 276 -10.83 22.04 -30.76
C LYS B 276 -10.41 23.21 -31.65
N ASP B 277 -10.84 24.42 -31.31
CA ASP B 277 -10.49 25.59 -32.13
C ASP B 277 -8.99 25.85 -32.10
N LEU B 278 -8.36 25.67 -30.93
CA LEU B 278 -6.91 25.84 -30.88
C LEU B 278 -6.18 24.77 -31.68
N LEU B 279 -6.60 23.51 -31.54
CA LEU B 279 -5.97 22.47 -32.37
C LEU B 279 -6.13 22.80 -33.84
N GLY B 280 -7.23 23.44 -34.23
CA GLY B 280 -7.44 23.77 -35.62
C GLY B 280 -6.43 24.74 -36.20
N VAL B 281 -5.76 25.53 -35.36
CA VAL B 281 -4.72 26.42 -35.85
C VAL B 281 -3.32 25.84 -35.74
N MET B 282 -3.16 24.71 -35.07
CA MET B 282 -1.83 24.20 -34.85
C MET B 282 -1.31 23.47 -36.07
N GLN B 283 0.02 23.37 -36.12
CA GLN B 283 0.67 22.66 -37.20
C GLN B 283 0.35 21.18 -37.17
N LYS B 284 0.52 20.56 -38.33
CA LYS B 284 0.09 19.18 -38.51
C LYS B 284 0.84 18.21 -37.60
N LYS B 285 2.12 18.49 -37.34
CA LYS B 285 2.97 17.63 -36.53
C LYS B 285 3.38 18.28 -35.22
N ALA B 286 2.68 19.32 -34.80
CA ALA B 286 2.88 19.84 -33.46
C ALA B 286 2.21 18.92 -32.44
N ILE B 287 2.50 19.17 -31.16
CA ILE B 287 1.92 18.37 -30.09
C ILE B 287 1.41 19.25 -28.96
N ILE B 288 0.46 18.69 -28.22
CA ILE B 288 -0.03 19.24 -26.95
C ILE B 288 0.54 18.37 -25.83
N MET B 289 1.21 18.99 -24.87
CA MET B 289 1.72 18.32 -23.68
C MET B 289 1.06 18.93 -22.44
N HIS B 290 1.11 18.18 -21.34
CA HIS B 290 0.56 18.60 -20.06
C HIS B 290 1.15 17.64 -19.03
N PRO B 291 1.78 18.12 -17.96
CA PRO B 291 2.36 17.18 -16.98
C PRO B 291 1.33 16.33 -16.26
N LEU B 292 0.08 16.80 -16.19
CA LEU B 292 -1.06 16.14 -15.57
C LEU B 292 -0.95 16.17 -14.05
N PRO B 293 -2.08 16.16 -13.34
CA PRO B 293 -3.45 16.10 -13.85
C PRO B 293 -3.94 17.41 -14.44
N ARG B 294 -4.94 17.30 -15.29
CA ARG B 294 -5.64 18.45 -15.83
C ARG B 294 -7.01 18.56 -15.17
N LEU B 295 -7.59 19.76 -15.26
CA LEU B 295 -9.03 19.95 -15.04
C LEU B 295 -9.64 20.17 -16.41
N ASP B 296 -10.14 21.38 -16.68
CA ASP B 296 -10.85 21.66 -17.93
C ASP B 296 -10.01 22.43 -18.93
N GLU B 297 -8.73 22.63 -18.66
CA GLU B 297 -7.88 23.46 -19.51
C GLU B 297 -7.42 22.79 -20.80
N ILE B 298 -7.65 21.49 -20.95
CA ILE B 298 -7.63 20.79 -22.24
C ILE B 298 -8.97 20.09 -22.36
N THR B 299 -9.74 20.40 -23.40
CA THR B 299 -11.07 19.83 -23.47
C THR B 299 -10.99 18.37 -23.91
N ALA B 300 -12.05 17.62 -23.62
CA ALA B 300 -12.05 16.19 -23.92
C ALA B 300 -11.92 15.95 -25.42
N ASP B 301 -12.43 16.88 -26.23
CA ASP B 301 -12.36 16.79 -27.69
C ASP B 301 -10.92 16.59 -28.16
N VAL B 302 -9.98 17.26 -27.49
CA VAL B 302 -8.60 17.26 -27.95
C VAL B 302 -8.02 15.87 -27.88
N ASP B 303 -8.52 15.04 -26.95
CA ASP B 303 -7.95 13.71 -26.75
C ASP B 303 -8.03 12.86 -28.01
N ALA B 304 -9.01 13.16 -28.88
CA ALA B 304 -9.23 12.39 -30.10
C ALA B 304 -8.24 12.73 -31.20
N ASP B 305 -7.39 13.71 -31.01
CA ASP B 305 -6.45 14.15 -32.04
C ASP B 305 -5.11 13.49 -31.79
N PRO B 306 -4.45 12.93 -32.81
CA PRO B 306 -3.14 12.30 -32.59
C PRO B 306 -2.08 13.24 -32.01
N ARG B 307 -2.25 14.54 -32.12
CA ARG B 307 -1.29 15.48 -31.58
C ARG B 307 -1.38 15.62 -30.07
N ALA B 308 -2.45 15.10 -29.45
CA ALA B 308 -2.58 15.12 -28.00
C ALA B 308 -1.59 14.10 -27.43
N ALA B 309 -0.52 14.58 -26.82
CA ALA B 309 0.61 13.74 -26.45
C ALA B 309 0.73 13.50 -24.95
N TYR B 310 -0.20 14.02 -24.13
CA TYR B 310 -0.01 14.00 -22.67
C TYR B 310 -0.06 12.59 -22.08
N PHE B 311 -0.78 11.65 -22.69
CA PHE B 311 -0.73 10.28 -22.20
C PHE B 311 0.54 9.56 -22.66
N ARG B 312 1.01 9.84 -23.89
CA ARG B 312 2.30 9.29 -24.30
C ARG B 312 3.43 9.84 -23.43
N GLN B 313 3.31 11.12 -23.09
CA GLN B 313 4.24 11.79 -22.20
C GLN B 313 4.32 11.07 -20.86
N ALA B 314 3.16 10.77 -20.26
CA ALA B 314 3.17 10.04 -19.00
C ALA B 314 3.83 8.68 -19.15
N LYS B 315 3.57 7.97 -20.26
CA LYS B 315 4.21 6.69 -20.46
C LYS B 315 5.72 6.85 -20.54
N ASN B 316 6.18 7.92 -21.20
CA ASN B 316 7.63 8.14 -21.33
C ASN B 316 8.29 8.30 -19.96
N GLY B 317 7.54 8.78 -18.96
CA GLY B 317 8.07 8.81 -17.60
C GLY B 317 8.53 7.45 -17.11
N LEU B 318 7.84 6.38 -17.51
CA LEU B 318 8.29 5.04 -17.14
C LEU B 318 9.69 4.76 -17.65
N PHE B 319 9.94 5.09 -18.93
CA PHE B 319 11.24 4.77 -19.53
C PHE B 319 12.34 5.61 -18.92
N ILE B 320 12.06 6.89 -18.68
CA ILE B 320 13.04 7.78 -18.06
C ILE B 320 13.37 7.31 -16.65
N ARG B 321 12.34 6.90 -15.89
CA ARG B 321 12.59 6.49 -14.51
C ARG B 321 13.27 5.13 -14.45
N MET B 322 12.98 4.24 -15.40
CA MET B 322 13.78 3.02 -15.53
C MET B 322 15.25 3.38 -15.74
N ALA B 323 15.51 4.34 -16.65
CA ALA B 323 16.88 4.71 -16.96
C ALA B 323 17.58 5.24 -15.70
N LEU B 324 16.91 6.11 -14.94
CA LEU B 324 17.54 6.70 -13.77
C LEU B 324 17.81 5.66 -12.69
N LEU B 325 16.84 4.77 -12.44
CA LEU B 325 17.06 3.73 -11.43
C LEU B 325 18.25 2.86 -11.82
N LYS B 326 18.31 2.45 -13.08
CA LYS B 326 19.43 1.64 -13.55
C LYS B 326 20.76 2.37 -13.37
N LEU B 327 20.80 3.63 -13.81
CA LEU B 327 22.06 4.36 -13.76
C LEU B 327 22.51 4.58 -12.33
N LEU B 328 21.58 4.93 -11.44
CA LEU B 328 21.95 5.23 -10.06
C LEU B 328 22.39 3.98 -9.29
N LEU B 329 21.87 2.81 -9.66
CA LEU B 329 22.17 1.60 -8.90
C LEU B 329 23.27 0.76 -9.52
N VAL B 330 23.37 0.70 -10.84
CA VAL B 330 24.38 -0.16 -11.47
C VAL B 330 25.25 0.56 -12.48
N GLY B 331 25.02 1.84 -12.72
CA GLY B 331 25.90 2.65 -13.54
C GLY B 331 25.62 2.51 -15.02
N TRP B 332 26.50 3.11 -15.81
CA TRP B 332 26.37 3.13 -17.27
C TRP B 332 26.64 1.74 -17.84
N HIS C 22 14.75 -28.88 12.10
CA HIS C 22 13.49 -29.18 12.74
C HIS C 22 12.61 -27.94 12.85
N MET C 23 11.34 -28.15 13.18
CA MET C 23 10.39 -27.06 13.25
C MET C 23 10.73 -26.14 14.41
N PHE C 24 10.39 -24.87 14.24
CA PHE C 24 10.53 -23.89 15.30
C PHE C 24 9.53 -24.21 16.39
N GLU C 25 9.96 -24.06 17.64
CA GLU C 25 9.16 -24.47 18.77
C GLU C 25 7.99 -23.54 19.06
N LEU C 26 8.02 -22.32 18.53
CA LEU C 26 6.91 -21.41 18.66
C LEU C 26 6.05 -21.46 17.39
N SER C 27 4.75 -21.37 17.58
CA SER C 27 3.82 -21.29 16.46
CA SER C 27 3.83 -21.29 16.45
C SER C 27 3.48 -19.85 16.10
N ASP C 28 3.74 -18.91 17.00
CA ASP C 28 3.44 -17.51 16.83
C ASP C 28 4.44 -16.75 17.68
N VAL C 29 4.64 -15.47 17.36
CA VAL C 29 5.50 -14.61 18.18
C VAL C 29 4.63 -13.48 18.71
N ILE C 30 4.19 -13.60 19.97
CA ILE C 30 3.14 -12.78 20.53
C ILE C 30 3.57 -12.08 21.81
N GLU C 31 4.29 -12.77 22.70
N GLU C 31 4.24 -12.78 22.72
CA GLU C 31 4.57 -12.28 24.04
CA GLU C 31 4.59 -12.24 24.02
C GLU C 31 6.01 -12.58 24.43
C GLU C 31 6.04 -12.54 24.35
N GLY C 32 6.64 -11.64 25.13
CA GLY C 32 8.01 -11.86 25.58
C GLY C 32 8.22 -13.10 26.41
N LYS C 33 7.21 -13.49 27.20
CA LYS C 33 7.36 -14.65 28.06
C LYS C 33 7.45 -15.97 27.27
N GLN C 34 7.22 -15.96 25.96
CA GLN C 34 7.35 -17.19 25.20
C GLN C 34 8.79 -17.65 25.04
N PHE C 35 9.76 -16.77 25.28
CA PHE C 35 11.15 -17.04 24.95
C PHE C 35 11.95 -17.42 26.20
N ASP C 36 12.66 -18.53 26.12
CA ASP C 36 13.62 -18.86 27.15
C ASP C 36 15.03 -18.50 26.68
N ARG C 37 15.97 -18.57 27.62
CA ARG C 37 17.31 -18.08 27.35
C ARG C 37 17.96 -18.82 26.19
N GLU C 38 17.80 -20.14 26.16
CA GLU C 38 18.41 -20.94 25.11
C GLU C 38 17.84 -20.56 23.76
N MET C 39 16.53 -20.33 23.71
N MET C 39 16.53 -20.32 23.71
CA MET C 39 15.89 -19.92 22.47
CA MET C 39 15.91 -19.92 22.46
C MET C 39 16.42 -18.57 22.01
C MET C 39 16.43 -18.57 22.00
N LEU C 40 16.59 -17.63 22.94
CA LEU C 40 17.11 -16.31 22.56
C LEU C 40 18.50 -16.44 21.95
N SER C 41 19.39 -17.20 22.60
N SER C 41 19.37 -17.22 22.58
CA SER C 41 20.72 -17.40 22.06
CA SER C 41 20.73 -17.37 22.04
C SER C 41 20.66 -17.97 20.66
C SER C 41 20.71 -18.02 20.66
N ALA C 42 19.80 -18.97 20.44
CA ALA C 42 19.74 -19.61 19.13
C ALA C 42 19.17 -18.66 18.08
N ILE C 43 18.17 -17.85 18.46
CA ILE C 43 17.63 -16.87 17.51
C ILE C 43 18.70 -15.86 17.14
N PHE C 44 19.50 -15.43 18.11
CA PHE C 44 20.55 -14.46 17.81
C PHE C 44 21.56 -15.04 16.82
N ASP C 45 21.87 -16.33 16.94
CA ASP C 45 22.74 -16.98 15.97
C ASP C 45 22.14 -16.94 14.57
N VAL C 46 20.83 -17.22 14.46
CA VAL C 46 20.17 -17.13 13.16
C VAL C 46 20.22 -15.70 12.62
N ALA C 47 20.00 -14.71 13.49
CA ALA C 47 20.06 -13.33 13.04
C ALA C 47 21.42 -12.98 12.48
N ARG C 48 22.51 -13.49 13.09
CA ARG C 48 23.83 -13.26 12.52
C ARG C 48 23.94 -13.88 11.14
N GLU C 49 23.32 -15.05 10.92
N GLU C 49 23.32 -15.04 10.91
CA GLU C 49 23.28 -15.64 9.59
CA GLU C 49 23.32 -15.61 9.56
C GLU C 49 22.49 -14.75 8.62
C GLU C 49 22.49 -14.75 8.60
N MET C 50 21.38 -14.18 9.10
CA MET C 50 20.59 -13.31 8.25
C MET C 50 21.35 -12.04 7.88
N GLU C 51 22.19 -11.53 8.78
CA GLU C 51 23.02 -10.38 8.45
C GLU C 51 23.96 -10.71 7.31
N LYS C 52 24.53 -11.93 7.31
CA LYS C 52 25.39 -12.31 6.20
C LYS C 52 24.60 -12.35 4.89
N ILE C 53 23.35 -12.83 4.94
CA ILE C 53 22.53 -12.85 3.73
C ILE C 53 22.25 -11.44 3.25
N GLU C 54 21.88 -10.55 4.19
CA GLU C 54 21.51 -9.19 3.82
C GLU C 54 22.68 -8.40 3.27
N LYS C 55 23.90 -8.70 3.72
CA LYS C 55 25.08 -8.00 3.24
C LYS C 55 25.58 -8.55 1.91
N SER C 56 25.12 -9.73 1.49
N SER C 56 25.12 -9.72 1.50
CA SER C 56 25.59 -10.39 0.30
CA SER C 56 25.60 -10.38 0.30
C SER C 56 24.93 -9.80 -0.94
C SER C 56 24.93 -9.81 -0.94
N SER C 57 25.61 -9.94 -2.08
CA SER C 57 25.09 -9.41 -3.33
C SER C 57 24.12 -10.35 -4.05
N SER C 58 23.89 -11.57 -3.56
N SER C 58 23.89 -11.56 -3.54
CA SER C 58 23.03 -12.52 -4.24
CA SER C 58 23.02 -12.53 -4.21
C SER C 58 21.65 -12.57 -3.59
C SER C 58 21.64 -12.54 -3.58
N GLN C 59 20.61 -12.58 -4.41
CA GLN C 59 19.23 -12.59 -3.90
C GLN C 59 18.91 -13.95 -3.30
N SER C 60 18.52 -13.96 -2.03
CA SER C 60 18.10 -15.17 -1.35
C SER C 60 16.74 -15.64 -1.84
N GLU C 61 16.56 -16.97 -1.86
N GLU C 61 16.56 -16.96 -1.87
CA GLU C 61 15.31 -17.61 -2.23
CA GLU C 61 15.28 -17.57 -2.21
C GLU C 61 14.75 -18.48 -1.10
C GLU C 61 14.76 -18.47 -1.10
N ILE C 62 15.24 -18.28 0.13
CA ILE C 62 14.80 -19.09 1.26
C ILE C 62 13.28 -19.09 1.39
N LEU C 63 12.64 -17.94 1.25
CA LEU C 63 11.20 -17.83 1.40
C LEU C 63 10.48 -17.63 0.08
N LYS C 64 11.09 -18.03 -1.03
CA LYS C 64 10.39 -18.02 -2.31
C LYS C 64 9.11 -18.85 -2.21
N GLY C 65 8.03 -18.28 -2.71
CA GLY C 65 6.75 -18.93 -2.70
C GLY C 65 5.87 -18.60 -1.51
N TYR C 66 6.42 -17.96 -0.50
CA TYR C 66 5.64 -17.60 0.68
C TYR C 66 5.20 -16.15 0.61
N LEU C 67 4.02 -15.88 1.19
CA LEU C 67 3.43 -14.56 1.21
C LEU C 67 3.14 -14.15 2.64
N MET C 68 3.58 -12.95 2.99
CA MET C 68 3.29 -12.30 4.27
C MET C 68 2.17 -11.29 4.06
N ALA C 69 1.16 -11.31 4.93
CA ALA C 69 0.16 -10.26 4.96
C ALA C 69 0.44 -9.38 6.17
N THR C 70 0.50 -8.08 5.96
CA THR C 70 0.59 -7.16 7.08
C THR C 70 -0.79 -6.58 7.36
N LEU C 71 -1.02 -6.29 8.62
CA LEU C 71 -2.27 -5.66 9.06
C LEU C 71 -1.83 -4.60 10.07
N PHE C 72 -1.72 -3.35 9.62
CA PHE C 72 -1.29 -2.26 10.48
C PHE C 72 -2.50 -1.38 10.79
N TYR C 73 -3.01 -1.50 12.02
CA TYR C 73 -4.13 -0.69 12.50
C TYR C 73 -3.66 0.58 13.21
N GLU C 74 -2.36 0.78 13.35
CA GLU C 74 -1.76 2.00 13.86
C GLU C 74 -0.55 2.29 12.99
N PRO C 75 -0.05 3.53 13.00
CA PRO C 75 1.11 3.86 12.16
C PRO C 75 2.36 3.11 12.56
N SER C 76 3.26 2.99 11.59
CA SER C 76 4.55 2.37 11.80
C SER C 76 5.48 2.74 10.64
N THR C 77 6.73 3.01 10.95
CA THR C 77 7.77 3.09 9.93
C THR C 77 8.72 1.91 10.02
N ARG C 78 9.41 1.77 11.16
CA ARG C 78 10.43 0.73 11.28
C ARG C 78 9.84 -0.66 11.30
N THR C 79 8.81 -0.91 12.10
CA THR C 79 8.36 -2.28 12.24
C THR C 79 7.76 -2.77 10.93
N ARG C 80 6.91 -1.94 10.33
CA ARG C 80 6.30 -2.27 9.04
C ARG C 80 7.35 -2.48 7.96
N LEU C 81 8.26 -1.51 7.77
CA LEU C 81 9.19 -1.62 6.66
C LEU C 81 10.26 -2.68 6.91
N SER C 82 10.68 -2.88 8.16
CA SER C 82 11.66 -3.92 8.40
C SER C 82 11.09 -5.30 8.14
N PHE C 83 9.81 -5.54 8.50
CA PHE C 83 9.22 -6.84 8.19
C PHE C 83 9.08 -7.05 6.69
N GLU C 84 8.68 -5.99 5.96
N GLU C 84 8.66 -6.00 5.97
CA GLU C 84 8.50 -6.14 4.52
CA GLU C 84 8.49 -6.12 4.52
C GLU C 84 9.84 -6.32 3.83
C GLU C 84 9.83 -6.33 3.84
N SER C 85 10.84 -5.55 4.24
CA SER C 85 12.18 -5.69 3.69
C SER C 85 12.72 -7.09 4.01
N ALA C 86 12.53 -7.54 5.26
CA ALA C 86 13.00 -8.87 5.65
C ALA C 86 12.42 -9.93 4.73
N MET C 87 11.10 -9.87 4.50
CA MET C 87 10.45 -10.87 3.68
C MET C 87 11.02 -10.86 2.26
N LYS C 88 11.14 -9.66 1.68
CA LYS C 88 11.61 -9.56 0.29
C LYS C 88 13.09 -9.91 0.18
N ARG C 89 13.89 -9.58 1.19
CA ARG C 89 15.29 -9.94 1.14
C ARG C 89 15.46 -11.45 1.18
N LEU C 90 14.51 -12.16 1.79
CA LEU C 90 14.51 -13.63 1.78
C LEU C 90 13.82 -14.23 0.56
N GLY C 91 13.32 -13.40 -0.36
CA GLY C 91 12.72 -13.89 -1.58
C GLY C 91 11.23 -14.12 -1.52
N GLY C 92 10.57 -13.77 -0.40
CA GLY C 92 9.14 -13.88 -0.30
C GLY C 92 8.45 -12.63 -0.81
N GLU C 93 7.13 -12.66 -0.75
CA GLU C 93 6.35 -11.51 -1.15
C GLU C 93 5.43 -11.06 -0.02
N VAL C 94 4.84 -9.88 -0.21
CA VAL C 94 4.11 -9.20 0.84
C VAL C 94 2.81 -8.64 0.28
N LEU C 95 1.72 -8.82 1.03
CA LEU C 95 0.44 -8.19 0.79
C LEU C 95 0.18 -7.22 1.93
N THR C 96 0.16 -5.93 1.64
CA THR C 96 0.09 -4.95 2.71
C THR C 96 -1.33 -4.43 2.97
N THR C 97 -1.64 -4.20 4.24
CA THR C 97 -2.82 -3.43 4.65
C THR C 97 -2.20 -2.46 5.66
N GLU C 98 -1.74 -1.30 5.16
CA GLU C 98 -0.89 -0.37 5.92
C GLU C 98 -1.72 0.66 6.66
N ASN C 99 -3.02 0.68 6.41
CA ASN C 99 -3.99 1.41 7.24
C ASN C 99 -5.25 0.55 7.27
N ALA C 100 -5.30 -0.37 8.22
CA ALA C 100 -6.42 -1.31 8.30
C ALA C 100 -7.68 -0.70 8.88
N ARG C 101 -7.56 0.36 9.70
CA ARG C 101 -8.75 0.92 10.33
C ARG C 101 -9.63 1.65 9.32
N GLU C 102 -9.03 2.26 8.29
CA GLU C 102 -9.78 3.03 7.31
C GLU C 102 -9.89 2.37 5.94
N PHE C 103 -8.86 1.63 5.50
CA PHE C 103 -8.77 1.12 4.14
C PHE C 103 -9.20 -0.33 3.98
N SER C 104 -9.43 -1.05 5.08
CA SER C 104 -9.97 -2.41 5.02
C SER C 104 -11.44 -2.40 5.44
N SER C 105 -12.05 -3.58 5.44
CA SER C 105 -13.43 -3.72 5.87
C SER C 105 -13.59 -3.65 7.38
N ALA C 106 -12.49 -3.54 8.14
CA ALA C 106 -12.64 -3.16 9.54
C ALA C 106 -13.32 -1.80 9.67
N ALA C 107 -13.18 -0.95 8.64
CA ALA C 107 -13.91 0.32 8.62
C ALA C 107 -15.42 0.11 8.66
N LYS C 108 -15.89 -1.04 8.20
CA LYS C 108 -17.31 -1.36 8.18
C LYS C 108 -17.74 -2.19 9.39
N GLY C 109 -16.89 -2.30 10.41
CA GLY C 109 -17.22 -2.98 11.63
C GLY C 109 -16.75 -4.42 11.74
N GLU C 110 -16.04 -4.93 10.73
CA GLU C 110 -15.63 -6.32 10.74
C GLU C 110 -14.77 -6.63 11.97
N THR C 111 -15.07 -7.75 12.64
CA THR C 111 -14.29 -8.12 13.81
C THR C 111 -12.91 -8.59 13.40
N LEU C 112 -12.00 -8.53 14.37
CA LEU C 112 -10.64 -8.99 14.13
C LEU C 112 -10.61 -10.45 13.71
N GLU C 113 -11.39 -11.27 14.38
CA GLU C 113 -11.41 -12.70 14.06
CA GLU C 113 -11.40 -12.70 14.07
C GLU C 113 -11.85 -12.95 12.63
N ASP C 114 -12.79 -12.13 12.12
CA ASP C 114 -13.21 -12.30 10.73
C ASP C 114 -12.11 -11.84 9.78
N THR C 115 -11.45 -10.73 10.12
CA THR C 115 -10.34 -10.27 9.28
C THR C 115 -9.25 -11.33 9.19
N ILE C 116 -8.88 -11.92 10.34
CA ILE C 116 -7.82 -12.92 10.36
C ILE C 116 -8.20 -14.14 9.54
N ARG C 117 -9.42 -14.64 9.71
CA ARG C 117 -9.82 -15.84 8.98
C ARG C 117 -9.90 -15.56 7.49
N THR C 118 -10.19 -14.32 7.10
CA THR C 118 -10.18 -13.93 5.70
C THR C 118 -8.75 -13.88 5.16
N VAL C 119 -7.89 -13.14 5.83
CA VAL C 119 -6.56 -12.88 5.31
C VAL C 119 -5.72 -14.13 5.27
N GLU C 120 -5.93 -15.06 6.21
CA GLU C 120 -5.17 -16.30 6.19
C GLU C 120 -5.42 -17.12 4.93
N GLY C 121 -6.55 -16.92 4.26
CA GLY C 121 -6.74 -17.61 2.99
C GLY C 121 -5.85 -17.12 1.87
N TYR C 122 -5.22 -15.97 2.04
CA TYR C 122 -4.46 -15.34 0.99
C TYR C 122 -2.96 -15.35 1.26
N SER C 123 -2.54 -15.84 2.42
CA SER C 123 -1.18 -15.63 2.90
C SER C 123 -0.70 -16.81 3.74
N ASP C 124 0.58 -16.80 4.05
CA ASP C 124 1.21 -17.84 4.84
C ASP C 124 1.64 -17.40 6.24
N ILE C 125 1.69 -16.09 6.48
CA ILE C 125 2.05 -15.55 7.78
C ILE C 125 1.45 -14.15 7.88
N ILE C 126 1.02 -13.78 9.06
CA ILE C 126 0.40 -12.48 9.32
C ILE C 126 1.26 -11.71 10.31
N VAL C 127 1.57 -10.47 9.98
CA VAL C 127 2.23 -9.53 10.88
C VAL C 127 1.23 -8.43 11.16
N MET C 128 0.87 -8.25 12.44
CA MET C 128 -0.22 -7.33 12.78
C MET C 128 0.20 -6.40 13.91
N ARG C 129 -0.04 -5.11 13.72
CA ARG C 129 0.04 -4.10 14.77
C ARG C 129 -1.39 -3.62 15.00
N HIS C 130 -1.83 -3.68 16.24
CA HIS C 130 -3.20 -3.31 16.59
C HIS C 130 -3.16 -2.23 17.66
N PHE C 131 -4.27 -1.53 17.83
CA PHE C 131 -4.37 -0.51 18.87
C PHE C 131 -4.90 -1.05 20.19
N GLU C 132 -5.34 -2.30 20.24
CA GLU C 132 -5.88 -2.87 21.47
C GLU C 132 -4.94 -3.92 22.02
N SER C 133 -4.60 -3.80 23.29
N SER C 133 -4.59 -3.79 23.29
CA SER C 133 -3.86 -4.85 23.97
CA SER C 133 -3.82 -4.85 23.94
C SER C 133 -4.64 -6.16 23.90
C SER C 133 -4.62 -6.15 23.93
N GLY C 134 -3.92 -7.26 23.68
CA GLY C 134 -4.52 -8.57 23.61
C GLY C 134 -4.93 -8.98 22.20
N ALA C 135 -4.86 -8.08 21.24
CA ALA C 135 -5.36 -8.41 19.91
C ALA C 135 -4.51 -9.50 19.25
N ALA C 136 -3.20 -9.45 19.45
CA ALA C 136 -2.34 -10.42 18.77
C ALA C 136 -2.58 -11.84 19.30
N ARG C 137 -2.80 -11.99 20.60
N ARG C 137 -2.79 -11.98 20.60
CA ARG C 137 -3.10 -13.32 21.12
CA ARG C 137 -3.13 -13.28 21.17
C ARG C 137 -4.44 -13.83 20.57
C ARG C 137 -4.44 -13.81 20.59
N LYS C 138 -5.44 -12.98 20.49
CA LYS C 138 -6.72 -13.37 19.86
C LYS C 138 -6.49 -13.82 18.40
N ALA C 139 -5.69 -13.05 17.66
CA ALA C 139 -5.44 -13.40 16.27
C ALA C 139 -4.76 -14.76 16.18
N ALA C 140 -3.76 -14.99 17.03
CA ALA C 140 -3.07 -16.27 17.00
C ALA C 140 -4.01 -17.42 17.32
N ALA C 141 -4.92 -17.22 18.26
CA ALA C 141 -5.85 -18.29 18.61
C ALA C 141 -6.81 -18.62 17.47
N THR C 142 -7.09 -17.64 16.62
CA THR C 142 -8.01 -17.82 15.50
C THR C 142 -7.34 -18.38 14.26
N ALA C 143 -6.10 -17.97 14.00
CA ALA C 143 -5.43 -18.29 12.74
C ALA C 143 -4.74 -19.64 12.78
N ASN C 144 -4.79 -20.33 11.65
N ASN C 144 -4.78 -20.34 11.64
CA ASN C 144 -4.05 -21.58 11.46
CA ASN C 144 -4.05 -21.58 11.48
C ASN C 144 -2.75 -21.37 10.69
C ASN C 144 -2.69 -21.38 10.84
N ILE C 145 -2.28 -20.14 10.62
CA ILE C 145 -0.95 -19.80 10.12
C ILE C 145 -0.29 -18.96 11.19
N PRO C 146 1.04 -18.85 11.17
CA PRO C 146 1.73 -18.06 12.20
C PRO C 146 1.32 -16.60 12.18
N VAL C 147 1.21 -16.02 13.38
CA VAL C 147 0.97 -14.60 13.59
C VAL C 147 2.15 -14.03 14.34
N ILE C 148 2.56 -12.82 13.94
CA ILE C 148 3.56 -12.05 14.67
C ILE C 148 2.94 -10.76 15.17
N ASN C 149 3.07 -10.53 16.47
CA ASN C 149 2.62 -9.30 17.10
C ASN C 149 3.63 -8.19 16.82
N ALA C 150 3.24 -7.20 16.00
CA ALA C 150 4.05 -6.02 15.71
C ALA C 150 3.73 -4.86 16.64
N GLY C 151 3.03 -5.15 17.73
CA GLY C 151 2.65 -4.17 18.74
C GLY C 151 1.15 -4.28 18.94
N ASP C 152 0.70 -4.50 20.17
CA ASP C 152 -0.72 -4.61 20.46
C ASP C 152 -1.10 -3.54 21.49
N GLY C 153 -1.50 -2.37 21.00
CA GLY C 153 -1.79 -1.27 21.88
C GLY C 153 -0.59 -0.99 22.76
N PRO C 154 -0.83 -0.64 24.02
CA PRO C 154 0.29 -0.38 24.95
C PRO C 154 0.75 -1.64 25.65
N GLY C 155 0.43 -2.79 25.06
CA GLY C 155 0.68 -4.07 25.70
C GLY C 155 2.08 -4.59 25.52
N GLU C 156 2.36 -5.22 24.39
CA GLU C 156 3.67 -5.81 24.14
C GLU C 156 4.15 -5.54 22.73
N HIS C 157 5.42 -5.80 22.52
CA HIS C 157 6.12 -5.58 21.27
C HIS C 157 7.28 -6.56 21.27
N PRO C 158 7.00 -7.86 21.06
CA PRO C 158 8.04 -8.88 21.31
C PRO C 158 9.21 -8.80 20.35
N THR C 159 8.98 -8.40 19.10
CA THR C 159 10.09 -8.34 18.17
C THR C 159 10.98 -7.14 18.42
N GLN C 160 10.42 -6.03 18.94
CA GLN C 160 11.28 -4.96 19.43
C GLN C 160 12.15 -5.47 20.57
N ALA C 161 11.55 -6.23 21.49
CA ALA C 161 12.34 -6.71 22.62
C ALA C 161 13.45 -7.64 22.14
N LEU C 162 13.15 -8.50 21.18
CA LEU C 162 14.18 -9.38 20.63
C LEU C 162 15.32 -8.60 20.01
N LEU C 163 15.00 -7.60 19.17
CA LEU C 163 16.07 -6.84 18.54
C LEU C 163 16.81 -5.99 19.56
N ASP C 164 16.11 -5.55 20.61
CA ASP C 164 16.78 -4.76 21.64
C ASP C 164 17.82 -5.60 22.39
N VAL C 165 17.45 -6.82 22.79
CA VAL C 165 18.40 -7.69 23.49
C VAL C 165 19.54 -8.10 22.58
N TYR C 166 19.23 -8.39 21.30
CA TYR C 166 20.29 -8.68 20.34
C TYR C 166 21.25 -7.52 20.24
N THR C 167 20.72 -6.29 20.25
CA THR C 167 21.58 -5.12 20.15
C THR C 167 22.45 -4.96 21.40
N ILE C 168 21.87 -5.14 22.58
CA ILE C 168 22.67 -5.06 23.80
C ILE C 168 23.80 -6.07 23.75
N GLN C 169 23.49 -7.32 23.37
CA GLN C 169 24.52 -8.35 23.31
C GLN C 169 25.62 -7.95 22.33
N SER C 170 25.21 -7.41 21.18
CA SER C 170 26.15 -7.03 20.13
C SER C 170 27.04 -5.89 20.59
N GLU C 171 26.46 -4.90 21.28
CA GLU C 171 27.20 -3.69 21.61
C GLU C 171 27.97 -3.77 22.93
N ILE C 172 27.39 -4.40 23.95
CA ILE C 172 28.03 -4.53 25.25
C ILE C 172 28.82 -5.82 25.38
N GLY C 173 28.42 -6.86 24.66
CA GLY C 173 29.10 -8.13 24.68
C GLY C 173 28.66 -9.08 25.77
N LYS C 174 27.60 -8.74 26.50
CA LYS C 174 27.08 -9.58 27.56
C LYS C 174 25.64 -9.17 27.84
N LEU C 175 24.90 -10.11 28.40
CA LEU C 175 23.58 -9.87 28.97
C LEU C 175 23.54 -10.17 30.47
N ASP C 176 24.15 -11.26 30.90
CA ASP C 176 24.27 -11.48 32.34
C ASP C 176 25.03 -10.32 32.98
N GLY C 177 24.53 -9.86 34.12
CA GLY C 177 25.20 -8.83 34.88
C GLY C 177 25.06 -7.42 34.36
N ILE C 178 24.26 -7.18 33.34
CA ILE C 178 24.16 -5.82 32.83
C ILE C 178 23.26 -4.97 33.74
N SER C 179 23.43 -3.66 33.62
N SER C 179 23.44 -3.66 33.62
CA SER C 179 22.59 -2.67 34.29
CA SER C 179 22.59 -2.67 34.28
C SER C 179 21.94 -1.83 33.20
C SER C 179 21.94 -1.83 33.20
N VAL C 180 20.62 -1.76 33.21
CA VAL C 180 19.85 -1.12 32.15
C VAL C 180 18.92 -0.09 32.78
N ALA C 181 18.91 1.12 32.25
CA ALA C 181 17.95 2.14 32.63
C ALA C 181 16.86 2.21 31.57
N LEU C 182 15.61 2.04 31.99
CA LEU C 182 14.43 2.22 31.14
C LEU C 182 13.86 3.58 31.49
N VAL C 183 13.84 4.49 30.52
CA VAL C 183 13.56 5.89 30.77
C VAL C 183 12.37 6.33 29.92
N GLY C 184 11.50 7.12 30.52
CA GLY C 184 10.47 7.81 29.77
C GLY C 184 9.07 7.35 30.09
N ASP C 185 8.31 6.99 29.06
CA ASP C 185 6.93 6.55 29.26
C ASP C 185 6.96 5.04 29.44
N LEU C 186 7.07 4.61 30.69
CA LEU C 186 7.13 3.20 30.98
C LEU C 186 5.73 2.59 31.07
N ALA C 187 4.78 3.35 31.61
CA ALA C 187 3.42 2.84 31.76
C ALA C 187 2.86 2.32 30.44
N ASN C 188 3.00 3.11 29.38
CA ASN C 188 2.40 2.82 28.07
C ASN C 188 3.38 2.22 27.09
N GLY C 189 4.60 1.96 27.54
CA GLY C 189 5.64 1.55 26.62
C GLY C 189 5.64 0.07 26.36
N ARG C 190 4.99 -0.34 25.28
CA ARG C 190 4.98 -1.76 24.96
C ARG C 190 6.39 -2.30 24.72
N THR C 191 7.31 -1.42 24.29
CA THR C 191 8.72 -1.79 24.13
C THR C 191 9.36 -2.19 25.45
N VAL C 192 9.33 -1.28 26.44
CA VAL C 192 10.00 -1.56 27.70
C VAL C 192 9.33 -2.70 28.46
N ARG C 193 8.01 -2.88 28.26
CA ARG C 193 7.34 -4.00 28.89
C ARG C 193 7.86 -5.33 28.36
N SER C 194 7.90 -5.51 27.05
CA SER C 194 8.43 -6.75 26.52
C SER C 194 9.91 -6.90 26.81
N LEU C 195 10.67 -5.80 26.79
CA LEU C 195 12.10 -5.88 27.06
C LEU C 195 12.36 -6.37 28.48
N ALA C 196 11.57 -5.88 29.43
CA ALA C 196 11.69 -6.35 30.81
C ALA C 196 11.46 -7.86 30.88
N TYR C 197 10.48 -8.38 30.14
CA TYR C 197 10.23 -9.81 30.19
C TYR C 197 11.46 -10.59 29.73
N LEU C 198 12.13 -10.12 28.67
CA LEU C 198 13.28 -10.86 28.15
C LEU C 198 14.52 -10.70 29.02
N LEU C 199 14.74 -9.50 29.56
CA LEU C 199 15.91 -9.32 30.41
C LEU C 199 15.85 -10.22 31.63
N ALA C 200 14.63 -10.56 32.08
CA ALA C 200 14.50 -11.44 33.23
C ALA C 200 14.99 -12.86 32.97
N LYS C 201 15.26 -13.23 31.73
CA LYS C 201 15.79 -14.56 31.44
C LYS C 201 17.28 -14.67 31.70
N PHE C 202 17.94 -13.57 32.03
CA PHE C 202 19.37 -13.56 32.29
C PHE C 202 19.66 -13.36 33.76
N LYS C 203 20.92 -13.58 34.14
CA LYS C 203 21.33 -13.60 35.53
C LYS C 203 21.93 -12.26 35.94
N ASP C 204 21.70 -11.87 37.20
CA ASP C 204 22.42 -10.77 37.83
C ASP C 204 22.11 -9.43 37.15
N VAL C 205 20.92 -9.31 36.56
CA VAL C 205 20.52 -8.09 35.89
C VAL C 205 19.99 -7.09 36.91
N LYS C 206 20.23 -5.81 36.66
CA LYS C 206 19.59 -4.75 37.41
C LYS C 206 18.93 -3.77 36.45
N ILE C 207 17.69 -3.41 36.72
CA ILE C 207 16.95 -2.46 35.91
C ILE C 207 16.58 -1.24 36.75
N TYR C 208 16.85 -0.07 36.20
CA TYR C 208 16.40 1.18 36.79
C TYR C 208 15.22 1.70 35.97
N PHE C 209 14.18 2.15 36.66
CA PHE C 209 13.04 2.80 36.03
C PHE C 209 13.15 4.30 36.30
N VAL C 210 13.17 5.11 35.25
CA VAL C 210 13.25 6.57 35.38
C VAL C 210 12.11 7.17 34.56
N SER C 211 11.14 7.80 35.23
CA SER C 211 9.98 8.29 34.51
C SER C 211 9.31 9.38 35.33
N PRO C 212 8.54 10.24 34.69
CA PRO C 212 7.53 10.99 35.44
C PRO C 212 6.62 10.02 36.18
N GLU C 213 6.13 10.44 37.34
N GLU C 213 6.11 10.45 37.32
CA GLU C 213 5.27 9.58 38.15
CA GLU C 213 5.29 9.54 38.13
C GLU C 213 4.06 9.11 37.36
C GLU C 213 4.02 9.12 37.40
N ILE C 214 3.48 9.99 36.55
CA ILE C 214 2.26 9.67 35.81
C ILE C 214 2.43 8.51 34.85
N VAL C 215 3.67 8.18 34.44
CA VAL C 215 3.87 7.09 33.50
C VAL C 215 4.90 6.09 34.03
N LYS C 216 4.86 5.81 35.34
CA LYS C 216 5.77 4.81 35.91
C LYS C 216 5.39 3.41 35.43
N MET C 217 6.34 2.49 35.55
CA MET C 217 6.13 1.12 35.08
C MET C 217 4.97 0.50 35.84
N LYS C 218 4.12 -0.23 35.12
CA LYS C 218 2.92 -0.79 35.72
C LYS C 218 3.26 -1.98 36.62
N ASP C 219 2.32 -2.29 37.51
CA ASP C 219 2.58 -3.30 38.54
C ASP C 219 2.78 -4.69 37.95
N ASP C 220 2.15 -5.00 36.81
CA ASP C 220 2.32 -6.34 36.26
C ASP C 220 3.77 -6.64 35.93
N ILE C 221 4.49 -5.64 35.41
CA ILE C 221 5.91 -5.84 35.08
C ILE C 221 6.74 -5.91 36.36
N LYS C 222 6.49 -4.99 37.29
CA LYS C 222 7.23 -4.99 38.55
C LYS C 222 7.09 -6.32 39.25
N ASP C 223 5.85 -6.84 39.32
CA ASP C 223 5.62 -8.09 40.03
C ASP C 223 6.32 -9.24 39.33
N TYR C 224 6.36 -9.21 38.00
CA TYR C 224 7.03 -10.28 37.25
C TYR C 224 8.53 -10.27 37.50
N LEU C 225 9.14 -9.07 37.49
CA LEU C 225 10.58 -8.99 37.76
C LEU C 225 10.91 -9.45 39.17
N THR C 226 10.11 -9.02 40.15
CA THR C 226 10.34 -9.44 41.53
C THR C 226 10.25 -10.95 41.67
N SER C 227 9.26 -11.56 41.02
CA SER C 227 9.12 -13.01 41.07
C SER C 227 10.23 -13.73 40.33
N SER C 228 10.86 -13.07 39.36
CA SER C 228 11.96 -13.65 38.61
C SER C 228 13.32 -13.37 39.23
N GLY C 229 13.37 -12.64 40.34
CA GLY C 229 14.63 -12.35 40.98
C GLY C 229 15.46 -11.30 40.30
N VAL C 230 14.85 -10.45 39.47
CA VAL C 230 15.55 -9.34 38.84
C VAL C 230 15.48 -8.14 39.78
N GLU C 231 16.63 -7.58 40.11
CA GLU C 231 16.70 -6.36 40.89
C GLU C 231 16.19 -5.18 40.07
N TRP C 232 15.29 -4.38 40.65
CA TRP C 232 14.85 -3.15 40.01
C TRP C 232 14.73 -2.04 41.05
N GLU C 233 14.81 -0.80 40.56
CA GLU C 233 14.83 0.39 41.40
C GLU C 233 14.26 1.55 40.59
N GLU C 234 13.37 2.31 41.21
CA GLU C 234 12.88 3.56 40.63
C GLU C 234 13.74 4.72 41.10
N SER C 235 14.02 5.65 40.19
CA SER C 235 14.77 6.85 40.53
C SER C 235 14.35 7.98 39.63
N SER C 236 14.41 9.21 40.15
CA SER C 236 14.13 10.40 39.38
CA SER C 236 14.13 10.40 39.38
C SER C 236 15.40 11.18 39.02
N ASP C 237 16.58 10.61 39.28
CA ASP C 237 17.85 11.27 39.05
C ASP C 237 18.51 10.57 37.86
N LEU C 238 18.20 11.06 36.66
CA LEU C 238 18.71 10.42 35.45
C LEU C 238 20.22 10.54 35.33
N MET C 239 20.79 11.67 35.75
CA MET C 239 22.25 11.80 35.65
C MET C 239 22.95 10.77 36.52
N GLU C 240 22.48 10.56 37.75
CA GLU C 240 23.05 9.53 38.60
C GLU C 240 22.86 8.14 38.01
N VAL C 241 21.64 7.82 37.57
CA VAL C 241 21.38 6.50 37.00
C VAL C 241 22.24 6.26 35.76
N ALA C 242 22.29 7.24 34.86
CA ALA C 242 23.02 7.06 33.61
C ALA C 242 24.50 6.82 33.86
N SER C 243 25.05 7.37 34.95
CA SER C 243 26.48 7.23 35.18
C SER C 243 26.88 5.81 35.53
N LYS C 244 25.93 4.95 35.91
CA LYS C 244 26.25 3.61 36.38
C LYS C 244 25.53 2.52 35.60
N CYS C 245 25.03 2.82 34.40
CA CYS C 245 24.36 1.82 33.59
C CYS C 245 25.16 1.49 32.34
N ASP C 246 25.03 0.24 31.89
CA ASP C 246 25.58 -0.13 30.59
C ASP C 246 24.70 0.36 29.45
N VAL C 247 23.41 0.45 29.69
CA VAL C 247 22.44 0.81 28.67
C VAL C 247 21.50 1.86 29.24
N VAL C 248 21.31 2.94 28.50
CA VAL C 248 20.26 3.90 28.78
C VAL C 248 19.27 3.79 27.64
N TYR C 249 18.07 3.28 27.92
CA TYR C 249 17.03 3.00 26.94
C TYR C 249 15.95 4.05 27.09
N GLN C 250 15.96 5.03 26.20
CA GLN C 250 15.04 6.16 26.22
C GLN C 250 13.83 5.83 25.36
N THR C 251 12.71 6.45 25.70
CA THR C 251 11.47 6.24 24.98
C THR C 251 10.77 7.56 24.68
N ARG C 252 9.84 7.49 23.73
CA ARG C 252 8.94 8.59 23.44
C ARG C 252 7.74 8.56 24.39
N ILE C 253 7.29 9.74 24.83
CA ILE C 253 6.04 9.80 25.59
C ILE C 253 4.90 9.47 24.63
N GLN C 254 4.09 8.46 24.98
CA GLN C 254 3.21 7.81 23.99
C GLN C 254 1.89 8.57 23.87
N ARG C 255 1.93 9.66 23.10
CA ARG C 255 0.80 10.58 23.02
C ARG C 255 -0.50 9.88 22.68
N GLU C 256 -0.46 8.93 21.75
CA GLU C 256 -1.65 8.24 21.29
C GLU C 256 -2.30 7.38 22.36
N ARG C 257 -1.65 7.18 23.50
CA ARG C 257 -2.23 6.41 24.58
C ARG C 257 -2.82 7.27 25.67
N PHE C 258 -2.72 8.59 25.56
CA PHE C 258 -3.22 9.49 26.60
C PHE C 258 -4.67 9.86 26.39
N GLY C 259 -5.27 9.40 25.29
CA GLY C 259 -6.67 9.74 25.05
C GLY C 259 -6.83 11.23 25.01
N GLU C 260 -7.82 11.72 25.75
CA GLU C 260 -8.09 13.14 25.81
C GLU C 260 -7.28 13.85 26.88
N ARG C 261 -6.47 13.11 27.66
CA ARG C 261 -5.71 13.69 28.75
C ARG C 261 -4.43 14.33 28.22
N LEU C 262 -4.61 15.31 27.34
CA LEU C 262 -3.47 16.03 26.79
C LEU C 262 -2.79 16.91 27.83
N ASP C 263 -3.49 17.22 28.92
CA ASP C 263 -2.86 17.87 30.06
C ASP C 263 -1.77 16.97 30.63
N LEU C 264 -2.10 15.69 30.86
CA LEU C 264 -1.10 14.78 31.40
C LEU C 264 0.01 14.52 30.40
N TYR C 265 -0.34 14.46 29.11
CA TYR C 265 0.68 14.29 28.09
C TYR C 265 1.72 15.40 28.17
N GLU C 266 1.28 16.67 28.16
CA GLU C 266 2.26 17.75 28.15
C GLU C 266 3.02 17.81 29.47
N ALA C 267 2.38 17.40 30.58
CA ALA C 267 3.06 17.39 31.87
C ALA C 267 4.15 16.34 31.93
N ALA C 268 4.02 15.26 31.16
CA ALA C 268 5.00 14.19 31.19
C ALA C 268 6.21 14.48 30.31
N ARG C 269 6.15 15.45 29.42
CA ARG C 269 7.27 15.72 28.53
C ARG C 269 8.28 16.66 29.16
N GLY C 270 9.51 16.62 28.61
CA GLY C 270 10.57 17.55 28.95
C GLY C 270 11.28 17.29 30.27
N LYS C 271 10.95 16.21 30.96
CA LYS C 271 11.48 15.99 32.30
C LYS C 271 12.76 15.18 32.26
N PHE C 272 12.90 14.29 31.28
CA PHE C 272 14.05 13.39 31.18
C PHE C 272 14.55 13.39 29.75
N ILE C 273 15.68 14.06 29.54
CA ILE C 273 16.25 14.29 28.21
C ILE C 273 17.64 13.69 28.17
N VAL C 274 17.93 12.93 27.12
CA VAL C 274 19.29 12.52 26.82
C VAL C 274 19.92 13.61 25.98
N ASP C 275 20.94 14.27 26.52
CA ASP C 275 21.65 15.34 25.83
C ASP C 275 23.14 15.16 26.04
N LYS C 276 23.94 16.10 25.54
CA LYS C 276 25.38 15.95 25.62
C LYS C 276 25.85 15.89 27.07
N ASP C 277 25.20 16.66 27.95
CA ASP C 277 25.59 16.64 29.35
C ASP C 277 25.40 15.25 29.96
N LEU C 278 24.33 14.55 29.57
CA LEU C 278 24.12 13.20 30.08
C LEU C 278 25.19 12.25 29.55
N LEU C 279 25.51 12.33 28.27
CA LEU C 279 26.58 11.48 27.74
C LEU C 279 27.87 11.74 28.48
N GLY C 280 28.08 12.96 28.96
CA GLY C 280 29.32 13.29 29.63
C GLY C 280 29.53 12.59 30.95
N VAL C 281 28.46 12.08 31.56
CA VAL C 281 28.60 11.32 32.81
C VAL C 281 28.53 9.82 32.59
N MET C 282 28.26 9.37 31.37
CA MET C 282 28.15 7.95 31.10
C MET C 282 29.52 7.34 30.84
N GLN C 283 29.60 6.03 31.06
CA GLN C 283 30.83 5.29 30.85
C GLN C 283 31.14 5.18 29.37
N LYS C 284 32.42 4.96 29.08
CA LYS C 284 32.88 4.88 27.70
C LYS C 284 32.26 3.69 26.97
N LYS C 285 31.98 2.63 27.67
CA LYS C 285 31.47 1.39 27.10
C LYS C 285 29.94 1.33 27.07
N ALA C 286 29.27 2.36 27.54
CA ALA C 286 27.82 2.32 27.64
C ALA C 286 27.18 2.77 26.34
N ILE C 287 25.87 2.53 26.19
CA ILE C 287 25.15 2.90 24.99
C ILE C 287 23.83 3.59 25.32
N ILE C 288 23.37 4.37 24.34
CA ILE C 288 22.02 4.93 24.33
C ILE C 288 21.20 4.18 23.30
N MET C 289 20.03 3.71 23.71
CA MET C 289 19.07 3.06 22.82
C MET C 289 17.75 3.82 22.83
N HIS C 290 16.96 3.62 21.80
CA HIS C 290 15.65 4.24 21.67
C HIS C 290 14.94 3.48 20.56
N PRO C 291 13.75 2.91 20.81
CA PRO C 291 13.08 2.16 19.74
C PRO C 291 12.63 2.99 18.56
N LEU C 292 12.52 4.30 18.73
CA LEU C 292 12.15 5.30 17.74
C LEU C 292 10.66 5.23 17.42
N PRO C 293 10.08 6.30 16.88
CA PRO C 293 10.67 7.61 16.65
C PRO C 293 10.91 8.36 17.94
N ARG C 294 11.89 9.25 17.92
CA ARG C 294 12.09 10.19 19.01
C ARG C 294 11.56 11.54 18.60
N LEU C 295 11.17 12.33 19.60
CA LEU C 295 10.84 13.73 19.38
C LEU C 295 11.95 14.54 20.02
N ASP C 296 11.74 15.14 21.17
CA ASP C 296 12.73 16.00 21.80
C ASP C 296 13.61 15.27 22.80
N GLU C 297 13.35 13.99 23.07
CA GLU C 297 13.90 13.36 24.26
C GLU C 297 15.32 12.82 24.09
N ILE C 298 15.86 12.83 22.88
CA ILE C 298 17.30 12.69 22.64
C ILE C 298 17.67 13.85 21.73
N THR C 299 18.57 14.72 22.19
CA THR C 299 18.96 15.85 21.35
C THR C 299 19.79 15.38 20.16
N ALA C 300 19.72 16.16 19.07
CA ALA C 300 20.37 15.74 17.84
C ALA C 300 21.89 15.66 17.98
N ASP C 301 22.47 16.44 18.90
CA ASP C 301 23.92 16.41 19.05
C ASP C 301 24.42 15.10 19.66
N VAL C 302 23.55 14.30 20.25
CA VAL C 302 23.94 12.98 20.75
C VAL C 302 24.27 12.04 19.60
N ASP C 303 23.66 12.24 18.43
CA ASP C 303 23.78 11.26 17.36
C ASP C 303 25.23 11.03 16.95
N ALA C 304 26.09 12.04 17.09
CA ALA C 304 27.46 11.92 16.64
C ALA C 304 28.33 11.09 17.59
N ASP C 305 27.83 10.82 18.79
CA ASP C 305 28.62 10.06 19.75
C ASP C 305 28.57 8.58 19.36
N PRO C 306 29.70 7.88 19.38
CA PRO C 306 29.67 6.45 19.03
C PRO C 306 28.78 5.62 19.91
N ARG C 307 28.44 6.08 21.12
CA ARG C 307 27.56 5.33 22.01
C ARG C 307 26.09 5.45 21.64
N ALA C 308 25.75 6.36 20.73
CA ALA C 308 24.36 6.51 20.28
C ALA C 308 24.05 5.34 19.36
N ALA C 309 23.31 4.36 19.86
CA ALA C 309 23.14 3.08 19.19
C ALA C 309 21.79 2.89 18.53
N TYR C 310 20.91 3.89 18.57
CA TYR C 310 19.53 3.68 18.13
C TYR C 310 19.39 3.43 16.63
N PHE C 311 20.27 3.95 15.78
CA PHE C 311 20.17 3.60 14.36
C PHE C 311 20.72 2.21 14.09
N ARG C 312 21.79 1.81 14.78
CA ARG C 312 22.25 0.42 14.67
C ARG C 312 21.19 -0.54 15.18
N GLN C 313 20.50 -0.17 16.25
CA GLN C 313 19.42 -0.94 16.82
C GLN C 313 18.34 -1.16 15.78
N ALA C 314 17.91 -0.10 15.11
CA ALA C 314 16.87 -0.25 14.10
C ALA C 314 17.33 -1.14 12.95
N LYS C 315 18.58 -0.99 12.53
CA LYS C 315 19.09 -1.89 11.50
C LYS C 315 19.05 -3.34 11.95
N ASN C 316 19.41 -3.61 13.21
CA ASN C 316 19.40 -4.98 13.71
C ASN C 316 18.00 -5.58 13.64
N GLY C 317 16.96 -4.75 13.71
CA GLY C 317 15.61 -5.26 13.55
C GLY C 317 15.40 -6.00 12.25
N LEU C 318 16.08 -5.58 11.18
CA LEU C 318 15.96 -6.28 9.91
C LEU C 318 16.44 -7.72 10.04
N PHE C 319 17.60 -7.91 10.67
CA PHE C 319 18.15 -9.25 10.80
C PHE C 319 17.32 -10.14 11.71
N ILE C 320 16.84 -9.57 12.84
CA ILE C 320 15.99 -10.32 13.76
C ILE C 320 14.68 -10.71 13.10
N ARG C 321 14.09 -9.82 12.32
CA ARG C 321 12.81 -10.13 11.69
C ARG C 321 12.99 -11.11 10.55
N MET C 322 14.10 -11.02 9.79
CA MET C 322 14.44 -12.07 8.85
C MET C 322 14.49 -13.43 9.55
N ALA C 323 15.16 -13.48 10.70
CA ALA C 323 15.30 -14.73 11.43
C ALA C 323 13.94 -15.29 11.81
N LEU C 324 13.05 -14.45 12.32
CA LEU C 324 11.75 -14.93 12.76
C LEU C 324 10.90 -15.43 11.60
N LEU C 325 10.90 -14.70 10.49
CA LEU C 325 10.13 -15.15 9.33
C LEU C 325 10.64 -16.50 8.84
N LYS C 326 11.95 -16.63 8.76
CA LYS C 326 12.53 -17.89 8.32
C LYS C 326 12.17 -19.02 9.27
N LEU C 327 12.31 -18.78 10.57
CA LEU C 327 12.07 -19.85 11.54
C LEU C 327 10.60 -20.25 11.55
N LEU C 328 9.70 -19.29 11.48
CA LEU C 328 8.28 -19.64 11.54
C LEU C 328 7.80 -20.32 10.28
N LEU C 329 8.42 -20.05 9.14
CA LEU C 329 7.93 -20.63 7.88
C LEU C 329 8.68 -21.87 7.45
N VAL C 330 10.00 -21.94 7.64
CA VAL C 330 10.77 -23.11 7.18
C VAL C 330 11.59 -23.77 8.28
N GLY C 331 11.54 -23.28 9.50
CA GLY C 331 12.17 -23.98 10.61
C GLY C 331 13.64 -23.68 10.74
N TRP C 332 14.29 -24.39 11.67
CA TRP C 332 15.71 -24.22 11.96
C TRP C 332 16.55 -24.75 10.81
#